data_4PDD
#
_entry.id   4PDD
#
_cell.length_a   88.521
_cell.length_b   126.647
_cell.length_c   92.023
_cell.angle_alpha   90.000
_cell.angle_beta   113.210
_cell.angle_gamma   90.000
#
_symmetry.space_group_name_H-M   'I 1 2 1'
#
loop_
_entity.id
_entity.type
_entity.pdbx_description
1 polymer 'TRAP dicarboxylate transporter, DctP subunit'
2 non-polymer '(2R,3R)-2,3,4-trihydroxybutanoic acid'
3 non-polymer 'MALONIC ACID'
4 non-polymer 'FORMIC ACID'
5 water water
#
_entity_poly.entity_id   1
_entity_poly.type   'polypeptide(L)'
_entity_poly.pdbx_seq_one_letter_code
;(PCA)TILKIGYTPPKDSHYGVGATTFCDEVEKGTQERYKCQHFPSSALGGEREMIESVQLGTQDLVNTSTGPLGNFVPE
TRIVDIPFLFRDYEHARKVMDGAIGQDLLKKMQAKGLIGLAWTENGFRHMTNSKRPILQASDAAGLKVRTMENKVHMDGY
KTFGLLPTPMAFPELFTALQQGTVDGQENPIPVILSSKFSQVQKHLSLTGHVYSPAVLILSSRVWDKLSEADKKVFVAAA
QKATVAQRKRVNDDEANGITQLKKDGMQVVEKVDGESFRKAVAPAYAGFAKEFGAERIAAIQAVKAE
;
_entity_poly.pdbx_strand_id   A,B,C
#
loop_
_chem_comp.id
_chem_comp.type
_chem_comp.name
_chem_comp.formula
EAX non-polymer '(2R,3R)-2,3,4-trihydroxybutanoic acid' 'C4 H8 O5'
FMT non-polymer 'FORMIC ACID' 'C H2 O2'
MLA non-polymer 'MALONIC ACID' 'C3 H4 O4'
#
# COMPACT_ATOMS: atom_id res chain seq x y z
N PCA A 1 10.60 -34.38 5.57
CA PCA A 1 10.16 -33.05 5.99
CB PCA A 1 11.20 -32.38 6.89
CG PCA A 1 12.43 -33.25 6.85
CD PCA A 1 11.96 -34.46 6.11
OE PCA A 1 12.68 -35.44 5.96
C PCA A 1 9.91 -32.09 4.86
O PCA A 1 10.49 -32.20 3.77
N THR A 2 9.01 -31.16 5.10
CA THR A 2 8.83 -30.04 4.18
C THR A 2 9.96 -29.06 4.44
N ILE A 3 10.68 -28.70 3.38
CA ILE A 3 11.82 -27.81 3.53
C ILE A 3 11.38 -26.37 3.40
N LEU A 4 11.68 -25.57 4.42
CA LEU A 4 11.32 -24.16 4.41
C LEU A 4 12.57 -23.32 4.21
N LYS A 5 12.54 -22.45 3.21
CA LYS A 5 13.68 -21.59 2.93
C LYS A 5 13.61 -20.40 3.88
N ILE A 6 14.69 -20.16 4.62
CA ILE A 6 14.78 -19.00 5.51
C ILE A 6 15.95 -18.12 5.07
N GLY A 7 15.64 -16.87 4.71
CA GLY A 7 16.65 -15.96 4.21
C GLY A 7 16.90 -14.80 5.17
N TYR A 8 18.09 -14.23 5.06
CA TYR A 8 18.48 -13.03 5.80
C TYR A 8 19.74 -12.44 5.19
N THR A 9 20.02 -11.17 5.50
CA THR A 9 21.11 -10.47 4.85
C THR A 9 22.49 -10.66 5.51
N PRO A 10 22.54 -10.79 6.85
CA PRO A 10 23.87 -11.05 7.42
C PRO A 10 24.34 -12.47 7.09
N PRO A 11 25.62 -12.76 7.34
CA PRO A 11 26.13 -14.12 7.19
C PRO A 11 25.59 -15.03 8.28
N LYS A 12 25.77 -16.34 8.11
CA LYS A 12 25.26 -17.30 9.07
C LYS A 12 25.84 -17.08 10.45
N ASP A 13 27.11 -16.68 10.49
CA ASP A 13 27.79 -16.35 11.75
C ASP A 13 27.47 -14.92 12.09
N SER A 14 26.31 -14.72 12.71
CA SER A 14 25.82 -13.39 13.05
C SER A 14 24.66 -13.54 14.01
N HIS A 15 24.24 -12.42 14.60
CA HIS A 15 23.02 -12.39 15.37
C HIS A 15 21.80 -12.98 14.63
N TYR A 16 21.62 -12.63 13.35
CA TYR A 16 20.47 -13.13 12.60
C TYR A 16 20.63 -14.62 12.34
N GLY A 17 21.88 -15.07 12.14
CA GLY A 17 22.11 -16.48 11.91
C GLY A 17 21.83 -17.28 13.18
N VAL A 18 22.24 -16.74 14.32
CA VAL A 18 21.95 -17.36 15.60
C VAL A 18 20.43 -17.47 15.80
N GLY A 19 19.71 -16.38 15.53
CA GLY A 19 18.27 -16.41 15.64
C GLY A 19 17.62 -17.41 14.71
N ALA A 20 18.03 -17.38 13.45
CA ALA A 20 17.47 -18.31 12.47
C ALA A 20 17.73 -19.77 12.84
N THR A 21 18.92 -20.06 13.35
CA THR A 21 19.26 -21.46 13.64
C THR A 21 18.49 -21.91 14.88
N THR A 22 18.38 -21.04 15.89
CA THR A 22 17.64 -21.40 17.08
C THR A 22 16.18 -21.68 16.72
N PHE A 23 15.60 -20.76 15.96
CA PHE A 23 14.23 -20.94 15.49
C PHE A 23 14.08 -22.25 14.73
N CYS A 24 14.92 -22.46 13.73
CA CYS A 24 14.80 -23.65 12.87
C CYS A 24 14.99 -24.94 13.66
N ASP A 25 15.99 -24.97 14.54
CA ASP A 25 16.21 -26.17 15.34
C ASP A 25 14.99 -26.52 16.20
N GLU A 26 14.37 -25.51 16.82
CA GLU A 26 13.19 -25.75 17.66
C GLU A 26 11.97 -26.18 16.85
N VAL A 27 11.83 -25.65 15.63
CA VAL A 27 10.71 -26.03 14.78
C VAL A 27 10.83 -27.49 14.36
N GLU A 28 12.05 -27.89 14.00
CA GLU A 28 12.32 -29.24 13.54
C GLU A 28 12.03 -30.25 14.64
N LYS A 29 12.47 -29.95 15.87
CA LYS A 29 12.17 -30.83 16.99
C LYS A 29 10.70 -30.80 17.36
N GLY A 30 10.16 -29.60 17.47
CA GLY A 30 8.79 -29.41 17.93
C GLY A 30 7.75 -29.96 16.98
N THR A 31 8.10 -30.02 15.68
CA THR A 31 7.17 -30.58 14.71
C THR A 31 7.55 -31.98 14.29
N GLN A 32 8.40 -32.66 15.07
CA GLN A 32 8.76 -34.03 14.78
C GLN A 32 9.17 -34.26 13.32
N GLU A 33 10.00 -33.36 12.80
CA GLU A 33 10.57 -33.44 11.46
C GLU A 33 9.55 -33.24 10.33
N ARG A 34 8.38 -32.71 10.65
CA ARG A 34 7.44 -32.33 9.59
C ARG A 34 8.02 -31.17 8.80
N TYR A 35 8.76 -30.31 9.48
CA TYR A 35 9.36 -29.12 8.86
C TYR A 35 10.85 -29.01 9.22
N LYS A 36 11.63 -28.52 8.27
CA LYS A 36 13.07 -28.34 8.46
C LYS A 36 13.49 -27.14 7.61
N CYS A 37 14.41 -26.33 8.14
CA CYS A 37 14.89 -25.16 7.41
C CYS A 37 16.03 -25.47 6.44
N GLN A 38 16.07 -24.71 5.35
CA GLN A 38 17.30 -24.54 4.58
C GLN A 38 17.65 -23.05 4.62
N HIS A 39 18.84 -22.72 5.11
CA HIS A 39 19.22 -21.31 5.33
C HIS A 39 19.78 -20.67 4.05
N PHE A 40 19.42 -19.40 3.82
CA PHE A 40 19.94 -18.61 2.71
C PHE A 40 20.46 -17.30 3.29
N PRO A 41 21.67 -17.32 3.85
CA PRO A 41 22.20 -16.08 4.42
C PRO A 41 22.80 -15.20 3.33
N SER A 42 23.28 -14.03 3.74
CA SER A 42 24.02 -13.13 2.85
C SER A 42 23.24 -12.76 1.59
N SER A 43 21.94 -12.53 1.79
CA SER A 43 21.07 -12.04 0.73
C SER A 43 21.02 -12.94 -0.50
N ALA A 44 21.26 -14.24 -0.32
CA ALA A 44 21.16 -15.20 -1.42
C ALA A 44 19.78 -15.14 -2.12
N LEU A 45 18.74 -14.86 -1.35
CA LEU A 45 17.39 -14.74 -1.90
C LEU A 45 17.01 -13.29 -2.13
N GLY A 46 17.98 -12.39 -2.01
CA GLY A 46 17.77 -10.98 -2.24
C GLY A 46 17.88 -10.19 -0.94
N GLY A 47 17.82 -8.88 -1.04
CA GLY A 47 17.78 -8.03 0.13
C GLY A 47 16.43 -8.12 0.86
N GLU A 48 16.31 -7.38 1.96
CA GLU A 48 15.15 -7.46 2.81
C GLU A 48 13.84 -7.07 2.12
N ARG A 49 13.84 -6.04 1.29
CA ARG A 49 12.59 -5.60 0.67
C ARG A 49 12.09 -6.71 -0.26
N GLU A 50 12.99 -7.24 -1.07
CA GLU A 50 12.63 -8.31 -2.01
C GLU A 50 12.16 -9.57 -1.25
N MET A 51 12.86 -9.91 -0.18
CA MET A 51 12.52 -11.08 0.62
C MET A 51 11.14 -10.97 1.26
N ILE A 52 10.82 -9.80 1.84
CA ILE A 52 9.52 -9.61 2.46
C ILE A 52 8.43 -9.69 1.39
N GLU A 53 8.70 -9.12 0.22
CA GLU A 53 7.75 -9.19 -0.87
C GLU A 53 7.47 -10.65 -1.21
N SER A 54 8.53 -11.46 -1.27
CA SER A 54 8.38 -12.86 -1.63
C SER A 54 7.64 -13.66 -0.55
N VAL A 55 7.90 -13.34 0.71
CA VAL A 55 7.19 -13.98 1.81
C VAL A 55 5.69 -13.67 1.73
N GLN A 56 5.35 -12.41 1.46
CA GLN A 56 3.95 -12.01 1.35
C GLN A 56 3.27 -12.72 0.18
N LEU A 57 4.02 -12.93 -0.89
CA LEU A 57 3.47 -13.61 -2.07
C LEU A 57 3.43 -15.12 -1.90
N GLY A 58 4.24 -15.63 -0.97
CA GLY A 58 4.32 -17.06 -0.74
C GLY A 58 5.48 -17.77 -1.42
N THR A 59 6.26 -17.03 -2.20
CA THR A 59 7.34 -17.66 -2.96
C THR A 59 8.59 -17.84 -2.13
N GLN A 60 8.64 -17.21 -0.96
CA GLN A 60 9.69 -17.49 0.03
C GLN A 60 9.02 -17.85 1.34
N ASP A 61 9.53 -18.86 2.03
CA ASP A 61 8.86 -19.33 3.25
C ASP A 61 9.07 -18.46 4.49
N LEU A 62 10.34 -18.12 4.77
CA LEU A 62 10.69 -17.41 5.98
C LEU A 62 11.72 -16.33 5.75
N VAL A 63 11.66 -15.29 6.57
CA VAL A 63 12.75 -14.30 6.61
C VAL A 63 12.99 -13.86 8.07
N ASN A 64 14.24 -13.56 8.41
CA ASN A 64 14.59 -12.82 9.64
C ASN A 64 15.03 -11.46 9.11
N THR A 65 14.21 -10.44 9.32
CA THR A 65 14.44 -9.14 8.69
C THR A 65 14.32 -8.01 9.72
N SER A 66 15.09 -6.95 9.52
CA SER A 66 14.87 -5.71 10.26
C SER A 66 13.55 -5.10 9.83
N THR A 67 13.10 -4.08 10.53
CA THR A 67 11.92 -3.34 10.16
C THR A 67 12.16 -2.39 8.97
N GLY A 68 13.39 -2.28 8.51
CA GLY A 68 13.74 -1.26 7.52
C GLY A 68 12.70 -1.11 6.41
N PRO A 69 12.61 -2.10 5.52
CA PRO A 69 11.66 -1.99 4.41
C PRO A 69 10.28 -2.60 4.73
N LEU A 70 10.13 -3.13 5.94
CA LEU A 70 8.86 -3.73 6.38
C LEU A 70 7.69 -2.74 6.36
N GLY A 71 8.00 -1.48 6.68
CA GLY A 71 6.96 -0.46 6.69
C GLY A 71 6.32 -0.23 5.33
N ASN A 72 7.05 -0.58 4.27
CA ASN A 72 6.50 -0.51 2.91
C ASN A 72 5.27 -1.39 2.73
N PHE A 73 5.20 -2.45 3.53
CA PHE A 73 4.12 -3.44 3.45
C PHE A 73 3.12 -3.27 4.58
N VAL A 74 3.61 -2.79 5.73
CA VAL A 74 2.80 -2.65 6.93
C VAL A 74 3.18 -1.31 7.57
N PRO A 75 2.57 -0.20 7.11
CA PRO A 75 3.08 1.13 7.48
C PRO A 75 3.12 1.42 8.99
N GLU A 76 2.26 0.74 9.74
CA GLU A 76 2.22 0.93 11.18
C GLU A 76 3.54 0.59 11.89
N THR A 77 4.31 -0.33 11.32
CA THR A 77 5.58 -0.75 11.95
C THR A 77 6.64 0.36 11.98
N ARG A 78 6.48 1.39 11.16
CA ARG A 78 7.50 2.43 11.11
C ARG A 78 7.50 3.28 12.40
N ILE A 79 6.51 3.08 13.28
CA ILE A 79 6.53 3.89 14.50
C ILE A 79 7.80 3.58 15.28
N VAL A 80 8.28 2.33 15.19
CA VAL A 80 9.46 1.94 15.97
C VAL A 80 10.77 2.39 15.35
N ASP A 81 10.68 2.98 14.15
CA ASP A 81 11.84 3.46 13.41
C ASP A 81 12.15 4.93 13.66
N ILE A 82 11.31 5.58 14.47
CA ILE A 82 11.53 6.99 14.81
C ILE A 82 12.86 7.22 15.58
N PRO A 83 13.67 8.19 15.14
CA PRO A 83 14.92 8.42 15.87
C PRO A 83 14.73 8.87 17.31
N PHE A 84 15.52 8.28 18.20
CA PHE A 84 15.55 8.62 19.63
C PHE A 84 14.24 8.38 20.41
N LEU A 85 13.43 7.50 19.86
CA LEU A 85 12.21 7.07 20.51
C LEU A 85 12.52 6.23 21.75
N PHE A 86 13.48 5.31 21.61
CA PHE A 86 13.85 4.37 22.67
C PHE A 86 15.11 4.81 23.42
N ARG A 87 15.17 4.53 24.72
CA ARG A 87 16.20 5.05 25.60
C ARG A 87 17.37 4.10 25.65
N ASP A 88 17.07 2.80 25.68
CA ASP A 88 18.09 1.77 25.84
C ASP A 88 17.50 0.40 25.51
N TYR A 89 18.30 -0.66 25.66
CA TYR A 89 17.85 -2.00 25.24
C TYR A 89 16.70 -2.49 26.11
N GLU A 90 16.80 -2.29 27.43
CA GLU A 90 15.70 -2.67 28.33
C GLU A 90 14.37 -2.07 27.86
N HIS A 91 14.39 -0.78 27.57
CA HIS A 91 13.20 -0.08 27.11
C HIS A 91 12.67 -0.69 25.82
N ALA A 92 13.53 -0.78 24.82
CA ALA A 92 13.10 -1.25 23.50
C ALA A 92 12.58 -2.67 23.56
N ARG A 93 13.29 -3.53 24.25
CA ARG A 93 12.89 -4.92 24.29
C ARG A 93 11.55 -5.10 24.99
N LYS A 94 11.32 -4.33 26.06
CA LYS A 94 10.04 -4.42 26.78
C LYS A 94 8.87 -3.97 25.91
N VAL A 95 9.08 -2.92 25.12
CA VAL A 95 8.04 -2.48 24.19
C VAL A 95 7.71 -3.56 23.16
N MET A 96 8.74 -4.13 22.54
CA MET A 96 8.55 -5.10 21.47
C MET A 96 7.88 -6.35 22.00
N ASP A 97 8.23 -6.73 23.23
CA ASP A 97 7.70 -7.93 23.84
C ASP A 97 6.32 -7.75 24.41
N GLY A 98 5.96 -6.50 24.74
CA GLY A 98 4.70 -6.20 25.38
C GLY A 98 3.56 -6.02 24.38
N ALA A 99 2.46 -5.42 24.85
CA ALA A 99 1.25 -5.28 24.05
C ALA A 99 1.45 -4.46 22.75
N ILE A 100 2.32 -3.47 22.81
CA ILE A 100 2.57 -2.62 21.64
C ILE A 100 3.23 -3.43 20.49
N GLY A 101 4.30 -4.15 20.82
CA GLY A 101 4.94 -5.02 19.87
C GLY A 101 4.02 -6.13 19.39
N GLN A 102 3.23 -6.71 20.29
CA GLN A 102 2.34 -7.80 19.91
C GLN A 102 1.30 -7.32 18.92
N ASP A 103 0.79 -6.10 19.12
CA ASP A 103 -0.18 -5.51 18.19
C ASP A 103 0.43 -5.35 16.79
N LEU A 104 1.70 -4.95 16.72
CA LEU A 104 2.33 -4.78 15.42
C LEU A 104 2.43 -6.13 14.70
N LEU A 105 2.72 -7.19 15.42
CA LEU A 105 2.72 -8.53 14.80
C LEU A 105 1.35 -8.86 14.18
N LYS A 106 0.28 -8.53 14.87
CA LYS A 106 -1.06 -8.79 14.36
C LYS A 106 -1.34 -7.94 13.13
N LYS A 107 -0.86 -6.69 13.13
CA LYS A 107 -1.06 -5.81 11.98
C LYS A 107 -0.35 -6.39 10.75
N MET A 108 0.84 -6.96 10.99
CA MET A 108 1.57 -7.65 9.92
C MET A 108 0.79 -8.86 9.44
N GLN A 109 0.29 -9.64 10.37
CA GLN A 109 -0.43 -10.87 9.99
C GLN A 109 -1.65 -10.57 9.09
N ALA A 110 -2.33 -9.45 9.35
CA ALA A 110 -3.47 -9.06 8.53
C ALA A 110 -3.11 -8.78 7.05
N LYS A 111 -1.84 -8.50 6.81
CA LYS A 111 -1.33 -8.22 5.46
C LYS A 111 -0.62 -9.44 4.84
N GLY A 112 -0.76 -10.62 5.47
CA GLY A 112 -0.20 -11.83 4.89
C GLY A 112 1.26 -12.09 5.28
N LEU A 113 1.75 -11.30 6.22
CA LEU A 113 3.09 -11.43 6.75
C LEU A 113 2.98 -11.93 8.17
N ILE A 114 3.12 -13.26 8.32
CA ILE A 114 2.93 -13.86 9.63
C ILE A 114 4.14 -13.65 10.54
N GLY A 115 4.19 -12.51 11.21
CA GLY A 115 5.25 -12.21 12.16
C GLY A 115 5.09 -13.11 13.38
N LEU A 116 6.10 -13.90 13.65
CA LEU A 116 6.02 -14.91 14.72
C LEU A 116 6.53 -14.30 16.02
N ALA A 117 7.67 -13.60 15.97
CA ALA A 117 8.18 -12.91 17.14
C ALA A 117 9.18 -11.85 16.74
N TRP A 118 9.25 -10.80 17.53
CA TRP A 118 10.30 -9.78 17.37
C TRP A 118 11.62 -10.34 17.86
N THR A 119 12.60 -10.32 16.97
CA THR A 119 13.95 -10.66 17.33
C THR A 119 14.64 -9.31 17.45
N GLU A 120 15.90 -9.18 17.07
CA GLU A 120 16.60 -7.91 17.26
C GLU A 120 17.75 -7.72 16.30
N ASN A 121 17.84 -6.51 15.76
CA ASN A 121 19.01 -6.07 15.03
C ASN A 121 19.91 -5.24 15.94
N GLY A 122 19.35 -4.20 16.57
CA GLY A 122 20.09 -3.47 17.59
C GLY A 122 20.04 -1.98 17.41
N PHE A 123 20.63 -1.21 18.32
CA PHE A 123 20.73 0.22 18.10
C PHE A 123 21.70 0.46 16.97
N ARG A 124 21.32 1.37 16.07
CA ARG A 124 22.14 1.73 14.91
C ARG A 124 23.08 2.91 15.19
N HIS A 125 24.27 2.82 14.60
CA HIS A 125 25.34 3.80 14.73
C HIS A 125 25.90 4.25 13.38
N MET A 126 26.33 5.51 13.32
N MET A 126 26.33 5.51 13.32
CA MET A 126 26.81 6.08 12.06
CA MET A 126 26.81 6.11 12.07
C MET A 126 28.26 5.75 11.79
C MET A 126 28.27 5.76 11.79
N THR A 127 28.55 5.34 10.56
CA THR A 127 29.93 5.22 10.11
C THR A 127 30.12 6.10 8.89
N ASN A 128 31.34 6.55 8.68
CA ASN A 128 31.68 7.23 7.42
C ASN A 128 33.17 7.20 7.13
N SER A 129 33.55 7.67 5.95
CA SER A 129 34.94 7.64 5.53
C SER A 129 35.59 9.03 5.41
N LYS A 130 34.89 10.06 5.88
CA LYS A 130 35.35 11.44 5.68
C LYS A 130 35.87 12.10 6.97
N ARG A 131 35.12 11.98 8.05
CA ARG A 131 35.48 12.70 9.27
C ARG A 131 34.79 12.14 10.50
N PRO A 132 35.38 12.36 11.68
CA PRO A 132 34.69 12.00 12.92
C PRO A 132 33.36 12.72 13.07
N ILE A 133 32.38 12.03 13.64
CA ILE A 133 31.08 12.60 13.94
C ILE A 133 30.92 12.72 15.47
N LEU A 134 31.06 13.94 15.97
CA LEU A 134 30.96 14.24 17.40
C LEU A 134 29.61 14.86 17.78
N GLN A 135 29.03 15.58 16.84
CA GLN A 135 27.77 16.27 17.05
C GLN A 135 26.98 16.29 15.74
N ALA A 136 25.69 16.65 15.80
CA ALA A 136 24.83 16.58 14.64
C ALA A 136 25.42 17.37 13.47
N SER A 137 25.99 18.54 13.76
CA SER A 137 26.48 19.39 12.69
C SER A 137 27.63 18.75 11.91
N ASP A 138 28.33 17.78 12.50
CA ASP A 138 29.42 17.08 11.80
C ASP A 138 28.87 16.16 10.72
N ALA A 139 27.62 15.72 10.87
CA ALA A 139 26.99 14.85 9.88
C ALA A 139 26.49 15.64 8.67
N ALA A 140 26.29 16.94 8.84
CA ALA A 140 25.74 17.73 7.76
C ALA A 140 26.63 17.65 6.52
N GLY A 141 26.02 17.31 5.39
CA GLY A 141 26.71 17.33 4.12
C GLY A 141 27.20 15.96 3.73
N LEU A 142 27.18 15.01 4.66
CA LEU A 142 27.61 13.65 4.32
C LEU A 142 26.53 12.96 3.52
N LYS A 143 26.94 12.20 2.51
CA LYS A 143 26.04 11.33 1.77
C LYS A 143 26.03 10.01 2.50
N VAL A 144 24.85 9.61 2.99
CA VAL A 144 24.75 8.42 3.81
C VAL A 144 23.68 7.50 3.26
N ARG A 145 24.05 6.24 3.01
CA ARG A 145 23.04 5.25 2.65
C ARG A 145 22.10 5.03 3.83
N THR A 146 20.80 4.93 3.52
CA THR A 146 19.79 4.51 4.47
C THR A 146 19.11 3.24 3.96
N MET A 147 18.40 2.55 4.85
CA MET A 147 17.46 1.54 4.42
C MET A 147 16.31 2.16 3.64
N GLU A 148 15.49 1.28 3.06
CA GLU A 148 14.36 1.65 2.22
C GLU A 148 13.17 2.01 3.11
N ASN A 149 13.35 3.12 3.85
CA ASN A 149 12.45 3.49 4.92
C ASN A 149 12.25 5.01 4.97
N LYS A 150 11.05 5.47 4.67
CA LYS A 150 10.80 6.91 4.61
C LYS A 150 10.97 7.63 5.95
N VAL A 151 10.75 6.92 7.07
CA VAL A 151 10.90 7.55 8.37
C VAL A 151 12.37 7.82 8.68
N HIS A 152 13.23 6.86 8.35
CA HIS A 152 14.66 7.06 8.48
C HIS A 152 15.14 8.19 7.57
N MET A 153 14.68 8.17 6.32
CA MET A 153 15.08 9.23 5.39
C MET A 153 14.70 10.60 5.89
N ASP A 154 13.42 10.79 6.23
CA ASP A 154 12.92 12.08 6.70
C ASP A 154 13.61 12.46 8.00
N GLY A 155 13.76 11.48 8.90
CA GLY A 155 14.35 11.76 10.21
C GLY A 155 15.81 12.15 10.13
N TYR A 156 16.58 11.39 9.36
CA TYR A 156 18.02 11.63 9.25
C TYR A 156 18.32 12.93 8.51
N LYS A 157 17.42 13.36 7.61
CA LYS A 157 17.62 14.61 6.89
C LYS A 157 17.73 15.77 7.87
N THR A 158 17.08 15.64 9.02
CA THR A 158 17.15 16.74 9.99
C THR A 158 18.56 16.92 10.56
N PHE A 159 19.42 15.90 10.43
CA PHE A 159 20.82 15.99 10.87
C PHE A 159 21.68 16.69 9.81
N GLY A 160 21.10 16.94 8.64
CA GLY A 160 21.83 17.57 7.55
C GLY A 160 22.45 16.57 6.58
N LEU A 161 22.34 15.29 6.91
CA LEU A 161 22.77 14.19 6.05
C LEU A 161 21.98 14.19 4.77
N LEU A 162 22.58 13.66 3.70
CA LEU A 162 21.90 13.47 2.43
C LEU A 162 21.70 11.96 2.22
N PRO A 163 20.46 11.48 2.42
CA PRO A 163 20.17 10.05 2.38
C PRO A 163 19.95 9.52 0.96
N THR A 164 20.42 8.29 0.74
CA THR A 164 20.09 7.54 -0.46
C THR A 164 19.65 6.15 0.01
N PRO A 165 18.40 5.74 -0.27
CA PRO A 165 18.02 4.38 0.14
C PRO A 165 18.69 3.32 -0.75
N MET A 166 19.21 2.26 -0.16
CA MET A 166 19.78 1.15 -0.93
C MET A 166 19.50 -0.16 -0.22
N ALA A 167 19.21 -1.18 -0.99
CA ALA A 167 19.17 -2.54 -0.47
C ALA A 167 20.53 -2.89 0.15
N PHE A 168 20.51 -3.67 1.22
CA PHE A 168 21.74 -4.02 1.92
C PHE A 168 22.83 -4.68 1.05
N PRO A 169 22.44 -5.62 0.17
CA PRO A 169 23.54 -6.24 -0.58
C PRO A 169 24.32 -5.30 -1.50
N GLU A 170 23.83 -4.10 -1.77
CA GLU A 170 24.56 -3.15 -2.62
C GLU A 170 25.42 -2.21 -1.79
N LEU A 171 25.31 -2.31 -0.46
CA LEU A 171 25.93 -1.31 0.40
C LEU A 171 27.47 -1.35 0.42
N PHE A 172 28.05 -2.55 0.55
CA PHE A 172 29.51 -2.67 0.64
C PHE A 172 30.19 -2.00 -0.56
N THR A 173 29.75 -2.34 -1.77
CA THR A 173 30.31 -1.74 -2.97
C THR A 173 30.10 -0.22 -3.02
N ALA A 174 28.93 0.23 -2.60
CA ALA A 174 28.66 1.67 -2.58
C ALA A 174 29.67 2.37 -1.66
N LEU A 175 29.92 1.80 -0.49
CA LEU A 175 30.90 2.38 0.44
C LEU A 175 32.30 2.34 -0.16
N GLN A 176 32.65 1.20 -0.78
CA GLN A 176 33.98 1.01 -1.34
C GLN A 176 34.31 2.02 -2.44
N GLN A 177 33.35 2.23 -3.33
CA GLN A 177 33.54 3.12 -4.48
C GLN A 177 33.33 4.59 -4.13
N GLY A 178 32.84 4.86 -2.93
CA GLY A 178 32.63 6.23 -2.49
C GLY A 178 31.36 6.86 -3.01
N THR A 179 30.47 6.03 -3.52
CA THR A 179 29.17 6.53 -3.98
C THR A 179 28.48 7.26 -2.83
N VAL A 180 28.56 6.70 -1.63
CA VAL A 180 28.16 7.44 -0.42
C VAL A 180 29.35 7.54 0.53
N ASP A 181 29.33 8.50 1.46
CA ASP A 181 30.43 8.60 2.41
C ASP A 181 30.26 7.61 3.56
N GLY A 182 29.01 7.25 3.84
CA GLY A 182 28.74 6.47 5.04
C GLY A 182 27.41 5.77 5.08
N GLN A 183 27.13 5.17 6.23
CA GLN A 183 25.92 4.39 6.43
C GLN A 183 25.67 4.30 7.92
N GLU A 184 24.68 3.52 8.33
CA GLU A 184 24.44 3.36 9.74
C GLU A 184 23.83 1.98 9.97
N ASN A 185 24.30 1.32 11.02
CA ASN A 185 23.89 -0.05 11.35
C ASN A 185 24.28 -0.39 12.77
N PRO A 186 23.66 -1.43 13.35
CA PRO A 186 24.13 -1.88 14.66
C PRO A 186 25.52 -2.50 14.58
N ILE A 187 26.20 -2.56 15.72
CA ILE A 187 27.50 -3.22 15.81
C ILE A 187 27.49 -4.67 15.26
N PRO A 188 26.47 -5.48 15.59
CA PRO A 188 26.36 -6.84 15.04
C PRO A 188 26.44 -6.89 13.51
N VAL A 189 25.95 -5.85 12.83
CA VAL A 189 25.99 -5.84 11.37
C VAL A 189 27.35 -5.33 10.91
N ILE A 190 27.85 -4.30 11.56
CA ILE A 190 29.14 -3.74 11.17
C ILE A 190 30.23 -4.81 11.31
N LEU A 191 30.17 -5.58 12.39
CA LEU A 191 31.13 -6.66 12.62
C LEU A 191 30.99 -7.73 11.55
N SER A 192 29.77 -8.24 11.38
CA SER A 192 29.57 -9.44 10.56
C SER A 192 29.70 -9.15 9.06
N SER A 193 29.68 -7.88 8.68
CA SER A 193 29.77 -7.53 7.27
C SER A 193 31.11 -6.88 6.93
N LYS A 194 32.01 -6.81 7.90
CA LYS A 194 33.35 -6.30 7.64
C LYS A 194 33.34 -4.95 6.92
N PHE A 195 32.52 -4.02 7.43
CA PHE A 195 32.52 -2.64 6.93
C PHE A 195 33.75 -1.89 7.42
N SER A 196 34.52 -2.49 8.31
CA SER A 196 35.74 -1.85 8.76
C SER A 196 36.69 -1.73 7.58
N GLN A 197 36.50 -2.58 6.57
CA GLN A 197 37.39 -2.55 5.42
C GLN A 197 37.20 -1.30 4.59
N VAL A 198 36.01 -0.70 4.65
CA VAL A 198 35.68 0.42 3.80
C VAL A 198 35.08 1.63 4.58
N GLN A 199 35.13 1.60 5.92
CA GLN A 199 34.72 2.75 6.72
C GLN A 199 35.75 3.02 7.82
N LYS A 200 36.28 4.24 7.86
CA LYS A 200 37.34 4.59 8.79
C LYS A 200 36.76 5.03 10.14
N HIS A 201 35.54 5.57 10.11
CA HIS A 201 34.98 6.24 11.28
C HIS A 201 33.69 5.61 11.78
N LEU A 202 33.60 5.48 13.10
CA LEU A 202 32.37 5.02 13.75
C LEU A 202 32.03 5.95 14.91
N SER A 203 30.77 6.35 15.01
CA SER A 203 30.28 7.13 16.16
C SER A 203 29.12 6.37 16.78
N LEU A 204 29.15 6.23 18.11
CA LEU A 204 28.07 5.56 18.81
C LEU A 204 26.88 6.48 19.05
N THR A 205 26.27 6.88 17.95
CA THR A 205 25.11 7.76 17.97
C THR A 205 23.84 7.11 18.52
N GLY A 206 23.69 5.81 18.31
CA GLY A 206 22.54 5.08 18.85
C GLY A 206 21.23 5.75 18.50
N HIS A 207 21.12 6.21 17.25
CA HIS A 207 20.07 7.13 16.83
C HIS A 207 18.70 6.48 16.60
N VAL A 208 18.67 5.19 16.29
CA VAL A 208 17.41 4.47 16.24
C VAL A 208 17.62 3.09 16.81
N TYR A 209 16.54 2.50 17.29
CA TYR A 209 16.52 1.06 17.59
C TYR A 209 15.95 0.33 16.38
N SER A 210 16.63 -0.75 16.02
CA SER A 210 16.29 -1.56 14.86
C SER A 210 15.83 -2.94 15.33
N PRO A 211 14.51 -3.14 15.42
CA PRO A 211 14.10 -4.50 15.75
C PRO A 211 14.29 -5.38 14.52
N ALA A 212 14.25 -6.69 14.71
CA ALA A 212 14.12 -7.63 13.61
C ALA A 212 12.96 -8.57 13.96
N VAL A 213 12.52 -9.36 13.00
CA VAL A 213 11.32 -10.18 13.17
C VAL A 213 11.42 -11.38 12.24
N LEU A 214 11.05 -12.54 12.77
CA LEU A 214 10.94 -13.77 12.02
C LEU A 214 9.56 -13.80 11.41
N ILE A 215 9.49 -13.82 10.09
CA ILE A 215 8.20 -13.78 9.39
C ILE A 215 8.04 -15.05 8.55
N LEU A 216 6.89 -15.70 8.70
CA LEU A 216 6.51 -16.87 7.88
C LEU A 216 5.47 -16.45 6.84
N SER A 217 5.46 -17.11 5.70
CA SER A 217 4.43 -16.79 4.69
C SER A 217 3.08 -17.26 5.16
N SER A 218 2.03 -16.54 4.79
CA SER A 218 0.69 -17.00 5.15
C SER A 218 0.36 -18.31 4.42
N ARG A 219 0.99 -18.52 3.26
CA ARG A 219 0.81 -19.76 2.49
C ARG A 219 1.15 -20.98 3.34
N VAL A 220 2.28 -20.92 4.05
CA VAL A 220 2.70 -22.03 4.90
C VAL A 220 1.95 -22.07 6.21
N TRP A 221 1.75 -20.90 6.83
CA TRP A 221 1.04 -20.84 8.10
C TRP A 221 -0.32 -21.50 8.02
N ASP A 222 -1.05 -21.20 6.94
CA ASP A 222 -2.41 -21.71 6.79
C ASP A 222 -2.47 -23.22 6.55
N LYS A 223 -1.34 -23.82 6.17
CA LYS A 223 -1.25 -25.27 6.03
C LYS A 223 -0.89 -26.00 7.33
N LEU A 224 -0.51 -25.24 8.36
CA LEU A 224 -0.10 -25.83 9.64
C LEU A 224 -1.29 -26.28 10.49
N SER A 225 -1.07 -27.34 11.28
CA SER A 225 -2.03 -27.71 12.30
C SER A 225 -2.04 -26.62 13.37
N GLU A 226 -3.10 -26.54 14.17
CA GLU A 226 -3.12 -25.56 15.27
C GLU A 226 -1.95 -25.81 16.24
N ALA A 227 -1.64 -27.08 16.50
CA ALA A 227 -0.51 -27.42 17.35
C ALA A 227 0.82 -26.93 16.78
N ASP A 228 1.02 -27.10 15.48
CA ASP A 228 2.30 -26.66 14.88
C ASP A 228 2.41 -25.15 14.86
N LYS A 229 1.29 -24.46 14.66
CA LYS A 229 1.29 -23.00 14.79
C LYS A 229 1.89 -22.55 16.12
N LYS A 230 1.49 -23.19 17.21
CA LYS A 230 2.02 -22.87 18.51
C LYS A 230 3.52 -23.18 18.61
N VAL A 231 3.96 -24.26 17.97
CA VAL A 231 5.39 -24.62 17.98
C VAL A 231 6.24 -23.55 17.25
N PHE A 232 5.74 -23.06 16.12
CA PHE A 232 6.45 -22.06 15.34
C PHE A 232 6.62 -20.78 16.16
N VAL A 233 5.55 -20.35 16.82
CA VAL A 233 5.62 -19.13 17.63
C VAL A 233 6.58 -19.33 18.82
N ALA A 234 6.44 -20.44 19.55
CA ALA A 234 7.33 -20.69 20.66
C ALA A 234 8.78 -20.74 20.19
N ALA A 235 9.02 -21.37 19.05
CA ALA A 235 10.37 -21.46 18.50
C ALA A 235 10.93 -20.06 18.20
N ALA A 236 10.10 -19.19 17.67
CA ALA A 236 10.52 -17.81 17.34
C ALA A 236 10.82 -17.02 18.63
N GLN A 237 10.07 -17.27 19.70
CA GLN A 237 10.35 -16.57 20.95
C GLN A 237 11.65 -17.08 21.60
N LYS A 238 11.97 -18.35 21.40
CA LYS A 238 13.27 -18.83 21.87
C LYS A 238 14.39 -18.16 21.07
N ALA A 239 14.16 -17.96 19.78
CA ALA A 239 15.13 -17.31 18.88
C ALA A 239 15.39 -15.88 19.35
N THR A 240 14.35 -15.20 19.79
CA THR A 240 14.48 -13.84 20.31
C THR A 240 15.56 -13.79 21.38
N VAL A 241 15.52 -14.75 22.29
CA VAL A 241 16.44 -14.74 23.41
C VAL A 241 17.87 -14.97 22.90
N ALA A 242 18.06 -15.98 22.06
CA ALA A 242 19.39 -16.29 21.56
C ALA A 242 19.94 -15.12 20.74
N GLN A 243 19.07 -14.50 19.95
CA GLN A 243 19.52 -13.45 19.04
C GLN A 243 19.94 -12.22 19.84
N ARG A 244 19.13 -11.84 20.81
CA ARG A 244 19.49 -10.71 21.67
C ARG A 244 20.78 -11.01 22.45
N LYS A 245 20.97 -12.25 22.88
CA LYS A 245 22.21 -12.58 23.58
C LYS A 245 23.40 -12.29 22.68
N ARG A 246 23.27 -12.63 21.40
CA ARG A 246 24.37 -12.45 20.47
C ARG A 246 24.59 -10.95 20.21
N VAL A 247 23.49 -10.19 20.11
CA VAL A 247 23.62 -8.75 20.04
C VAL A 247 24.43 -8.24 21.23
N ASN A 248 24.06 -8.68 22.43
CA ASN A 248 24.78 -8.29 23.65
C ASN A 248 26.29 -8.60 23.56
N ASP A 249 26.62 -9.82 23.10
CA ASP A 249 28.00 -10.27 23.02
C ASP A 249 28.75 -9.44 22.00
N ASP A 250 28.10 -9.20 20.85
CA ASP A 250 28.72 -8.43 19.77
C ASP A 250 29.11 -7.04 20.24
N GLU A 251 28.28 -6.44 21.07
CA GLU A 251 28.55 -5.09 21.53
C GLU A 251 29.62 -5.00 22.60
N ALA A 252 29.63 -5.98 23.50
CA ALA A 252 30.59 -5.99 24.61
C ALA A 252 32.01 -6.14 24.07
N ASN A 253 32.15 -6.83 22.96
CA ASN A 253 33.47 -7.16 22.42
C ASN A 253 33.78 -6.46 21.10
N GLY A 254 32.74 -5.97 20.42
CA GLY A 254 32.88 -5.50 19.05
C GLY A 254 33.73 -4.24 18.90
N ILE A 255 33.53 -3.27 19.78
CA ILE A 255 34.24 -2.00 19.69
C ILE A 255 35.76 -2.26 19.70
N THR A 256 36.21 -3.13 20.60
CA THR A 256 37.63 -3.42 20.70
C THR A 256 38.16 -4.01 19.40
N GLN A 257 37.40 -4.95 18.82
CA GLN A 257 37.79 -5.59 17.56
C GLN A 257 37.81 -4.59 16.41
N LEU A 258 36.80 -3.71 16.34
CA LEU A 258 36.75 -2.72 15.28
C LEU A 258 37.91 -1.75 15.39
N LYS A 259 38.32 -1.44 16.63
CA LYS A 259 39.47 -0.58 16.84
C LYS A 259 40.74 -1.27 16.35
N LYS A 260 40.88 -2.53 16.66
CA LYS A 260 42.02 -3.33 16.17
C LYS A 260 42.04 -3.34 14.64
N ASP A 261 40.86 -3.35 14.03
CA ASP A 261 40.75 -3.34 12.57
C ASP A 261 41.13 -2.00 11.95
N GLY A 262 41.25 -0.97 12.78
CA GLY A 262 41.67 0.33 12.30
C GLY A 262 40.60 1.42 12.34
N MET A 263 39.40 1.09 12.81
CA MET A 263 38.34 2.10 12.88
C MET A 263 38.63 3.11 13.98
N GLN A 264 38.37 4.39 13.68
CA GLN A 264 38.44 5.44 14.70
C GLN A 264 37.06 5.60 15.31
N VAL A 265 36.95 5.26 16.59
CA VAL A 265 35.65 5.19 17.24
C VAL A 265 35.42 6.36 18.18
N VAL A 266 34.27 7.02 18.01
CA VAL A 266 33.82 8.06 18.92
C VAL A 266 32.76 7.43 19.80
N GLU A 267 33.09 7.21 21.07
CA GLU A 267 32.20 6.51 21.97
C GLU A 267 31.19 7.41 22.67
N LYS A 268 31.49 8.70 22.74
CA LYS A 268 30.59 9.64 23.40
C LYS A 268 30.30 10.83 22.50
N VAL A 269 29.10 10.85 21.92
CA VAL A 269 28.73 11.93 21.04
C VAL A 269 27.85 12.90 21.82
N ASP A 270 27.63 14.08 21.22
CA ASP A 270 26.71 15.08 21.76
C ASP A 270 25.30 14.66 21.39
N GLY A 271 24.71 13.82 22.22
CA GLY A 271 23.40 13.29 21.92
C GLY A 271 22.33 14.36 21.86
N GLU A 272 22.49 15.38 22.70
CA GLU A 272 21.51 16.45 22.76
C GLU A 272 21.37 17.10 21.38
N SER A 273 22.51 17.29 20.72
CA SER A 273 22.51 17.94 19.42
C SER A 273 21.65 17.20 18.40
N PHE A 274 21.70 15.87 18.44
CA PHE A 274 20.92 15.06 17.53
C PHE A 274 19.43 15.06 17.89
N ARG A 275 19.14 15.03 19.17
CA ARG A 275 17.76 15.01 19.60
C ARG A 275 17.10 16.33 19.27
N LYS A 276 17.82 17.43 19.45
CA LYS A 276 17.24 18.72 19.15
C LYS A 276 16.99 18.83 17.66
N ALA A 277 17.87 18.25 16.85
CA ALA A 277 17.77 18.35 15.39
C ALA A 277 16.51 17.64 14.89
N VAL A 278 16.17 16.51 15.51
CA VAL A 278 15.10 15.68 14.97
C VAL A 278 13.73 16.10 15.48
N ALA A 279 13.71 16.90 16.55
CA ALA A 279 12.46 17.27 17.18
C ALA A 279 11.40 17.78 16.19
N PRO A 280 11.79 18.66 15.24
CA PRO A 280 10.75 19.13 14.31
C PRO A 280 10.05 18.03 13.52
N ALA A 281 10.74 16.94 13.22
CA ALA A 281 10.13 15.83 12.47
C ALA A 281 9.07 15.08 13.26
N TYR A 282 8.98 15.30 14.57
CA TYR A 282 7.95 14.64 15.37
C TYR A 282 6.54 15.17 15.04
N ALA A 283 6.43 16.35 14.42
CA ALA A 283 5.13 16.81 13.93
C ALA A 283 4.59 15.77 12.92
N GLY A 284 5.38 15.50 11.90
CA GLY A 284 5.05 14.49 10.90
C GLY A 284 4.88 13.10 11.52
N PHE A 285 5.77 12.70 12.42
CA PHE A 285 5.64 11.36 13.04
C PHE A 285 4.32 11.24 13.80
N ALA A 286 3.98 12.23 14.62
CA ALA A 286 2.73 12.17 15.37
C ALA A 286 1.52 12.15 14.47
N LYS A 287 1.56 12.93 13.38
CA LYS A 287 0.42 12.96 12.48
C LYS A 287 0.18 11.58 11.90
N GLU A 288 1.26 10.90 11.55
CA GLU A 288 1.16 9.60 10.94
C GLU A 288 0.81 8.48 11.92
N PHE A 289 1.48 8.44 13.06
CA PHE A 289 1.36 7.33 13.97
C PHE A 289 0.44 7.56 15.18
N GLY A 290 0.20 8.82 15.51
CA GLY A 290 -0.57 9.18 16.69
C GLY A 290 0.38 9.59 17.80
N ALA A 291 0.27 10.81 18.30
CA ALA A 291 1.09 11.25 19.44
C ALA A 291 0.90 10.33 20.63
N GLU A 292 -0.32 9.81 20.81
CA GLU A 292 -0.59 8.95 21.95
C GLU A 292 0.11 7.60 21.83
N ARG A 293 0.35 7.13 20.60
CA ARG A 293 1.05 5.88 20.40
C ARG A 293 2.56 6.07 20.65
N ILE A 294 3.08 7.24 20.25
CA ILE A 294 4.46 7.60 20.55
C ILE A 294 4.66 7.67 22.05
N ALA A 295 3.73 8.34 22.72
CA ALA A 295 3.82 8.53 24.15
C ALA A 295 3.71 7.20 24.90
N ALA A 296 2.87 6.28 24.39
CA ALA A 296 2.67 4.99 25.03
C ALA A 296 3.98 4.23 25.00
N ILE A 297 4.69 4.30 23.89
CA ILE A 297 6.01 3.70 23.78
C ILE A 297 6.99 4.33 24.77
N GLN A 298 6.99 5.65 24.85
CA GLN A 298 7.93 6.37 25.72
C GLN A 298 7.71 6.07 27.21
N ALA A 299 6.45 5.79 27.56
CA ALA A 299 6.06 5.54 28.95
C ALA A 299 6.57 4.20 29.49
N VAL A 300 6.76 3.23 28.61
CA VAL A 300 7.20 1.91 29.03
C VAL A 300 8.57 1.95 29.71
N LYS A 301 8.65 1.36 30.90
CA LYS A 301 9.90 1.28 31.70
C LYS A 301 10.45 2.64 32.13
N ALA A 302 9.65 3.69 31.99
CA ALA A 302 10.07 5.04 32.35
C ALA A 302 10.04 5.24 33.84
N GLU A 303 11.17 5.67 34.38
CA GLU A 303 11.43 5.75 35.81
C GLU A 303 10.52 4.83 36.62
N PCA B 1 -17.31 -19.84 -25.10
CA PCA B 1 -17.26 -18.74 -24.15
CB PCA B 1 -18.27 -18.97 -23.03
CG PCA B 1 -18.60 -20.45 -23.06
CD PCA B 1 -18.12 -20.86 -24.43
OE PCA B 1 -18.38 -21.95 -24.93
C PCA B 1 -15.91 -18.62 -23.53
O PCA B 1 -15.14 -19.58 -23.39
N THR B 2 -15.64 -17.38 -23.11
CA THR B 2 -14.57 -17.10 -22.19
C THR B 2 -15.05 -17.51 -20.79
N ILE B 3 -14.30 -18.38 -20.11
CA ILE B 3 -14.71 -18.85 -18.78
C ILE B 3 -14.09 -17.97 -17.70
N LEU B 4 -14.95 -17.41 -16.87
CA LEU B 4 -14.54 -16.54 -15.76
C LEU B 4 -14.63 -17.31 -14.45
N LYS B 5 -13.49 -17.45 -13.78
CA LYS B 5 -13.45 -18.09 -12.47
C LYS B 5 -13.99 -17.11 -11.43
N ILE B 6 -15.05 -17.48 -10.72
CA ILE B 6 -15.58 -16.63 -9.65
C ILE B 6 -15.44 -17.37 -8.33
N GLY B 7 -14.71 -16.75 -7.40
CA GLY B 7 -14.41 -17.38 -6.13
C GLY B 7 -15.07 -16.67 -4.98
N TYR B 8 -15.27 -17.39 -3.88
CA TYR B 8 -15.82 -16.81 -2.66
C TYR B 8 -15.64 -17.83 -1.54
N THR B 9 -15.79 -17.40 -0.30
CA THR B 9 -15.49 -18.28 0.84
C THR B 9 -16.68 -19.09 1.34
N PRO B 10 -17.90 -18.56 1.26
CA PRO B 10 -18.99 -19.44 1.69
C PRO B 10 -19.24 -20.55 0.70
N PRO B 11 -20.00 -21.57 1.10
CA PRO B 11 -20.36 -22.60 0.12
C PRO B 11 -21.33 -22.07 -0.94
N LYS B 12 -21.57 -22.86 -1.99
CA LYS B 12 -22.44 -22.38 -3.04
C LYS B 12 -23.84 -22.10 -2.54
N ASP B 13 -24.29 -22.88 -1.55
CA ASP B 13 -25.59 -22.71 -0.95
C ASP B 13 -25.45 -21.67 0.15
N SER B 14 -25.52 -20.41 -0.22
CA SER B 14 -25.29 -19.32 0.71
C SER B 14 -25.68 -18.03 0.05
N HIS B 15 -25.69 -16.95 0.83
CA HIS B 15 -25.88 -15.64 0.27
C HIS B 15 -24.88 -15.29 -0.83
N TYR B 16 -23.60 -15.61 -0.65
CA TYR B 16 -22.64 -15.21 -1.69
C TYR B 16 -22.82 -16.08 -2.95
N GLY B 17 -23.16 -17.34 -2.73
CA GLY B 17 -23.43 -18.26 -3.84
C GLY B 17 -24.62 -17.81 -4.65
N VAL B 18 -25.65 -17.34 -3.97
CA VAL B 18 -26.82 -16.79 -4.63
C VAL B 18 -26.45 -15.54 -5.45
N GLY B 19 -25.71 -14.62 -4.85
CA GLY B 19 -25.24 -13.46 -5.59
C GLY B 19 -24.42 -13.87 -6.81
N ALA B 20 -23.55 -14.86 -6.64
CA ALA B 20 -22.65 -15.27 -7.72
C ALA B 20 -23.42 -15.90 -8.88
N THR B 21 -24.35 -16.79 -8.55
CA THR B 21 -25.18 -17.44 -9.55
C THR B 21 -26.02 -16.42 -10.31
N THR B 22 -26.59 -15.44 -9.60
CA THR B 22 -27.43 -14.43 -10.24
C THR B 22 -26.58 -13.58 -11.18
N PHE B 23 -25.42 -13.16 -10.70
CA PHE B 23 -24.51 -12.38 -11.51
C PHE B 23 -24.16 -13.15 -12.78
N CYS B 24 -23.78 -14.41 -12.58
CA CYS B 24 -23.30 -15.26 -13.67
C CYS B 24 -24.40 -15.54 -14.69
N ASP B 25 -25.60 -15.85 -14.19
CA ASP B 25 -26.74 -16.04 -15.07
C ASP B 25 -26.97 -14.80 -15.95
N GLU B 26 -26.91 -13.61 -15.34
CA GLU B 26 -27.20 -12.36 -16.05
C GLU B 26 -26.10 -11.99 -17.03
N VAL B 27 -24.86 -12.24 -16.66
CA VAL B 27 -23.76 -11.95 -17.56
C VAL B 27 -23.81 -12.88 -18.75
N GLU B 28 -24.07 -14.15 -18.48
CA GLU B 28 -24.08 -15.17 -19.53
C GLU B 28 -25.13 -14.80 -20.57
N LYS B 29 -26.34 -14.54 -20.09
CA LYS B 29 -27.43 -14.16 -20.97
C LYS B 29 -27.14 -12.84 -21.69
N GLY B 30 -26.72 -11.84 -20.93
CA GLY B 30 -26.53 -10.50 -21.46
C GLY B 30 -25.40 -10.36 -22.47
N THR B 31 -24.45 -11.29 -22.45
CA THR B 31 -23.33 -11.27 -23.40
C THR B 31 -23.51 -12.33 -24.51
N GLN B 32 -24.72 -12.87 -24.61
CA GLN B 32 -25.01 -13.83 -25.68
C GLN B 32 -24.07 -15.02 -25.60
N GLU B 33 -23.78 -15.48 -24.38
CA GLU B 33 -22.99 -16.68 -24.16
C GLU B 33 -21.51 -16.50 -24.48
N ARG B 34 -21.08 -15.24 -24.62
CA ARG B 34 -19.67 -14.98 -24.83
C ARG B 34 -18.84 -15.17 -23.56
N TYR B 35 -19.51 -15.03 -22.40
CA TYR B 35 -18.89 -15.21 -21.08
C TYR B 35 -19.66 -16.23 -20.26
N LYS B 36 -18.95 -17.06 -19.50
CA LYS B 36 -19.60 -18.05 -18.63
C LYS B 36 -18.78 -18.23 -17.37
N CYS B 37 -19.47 -18.41 -16.25
CA CYS B 37 -18.81 -18.54 -14.96
C CYS B 37 -18.45 -19.97 -14.64
N GLN B 38 -17.33 -20.14 -13.96
CA GLN B 38 -17.03 -21.39 -13.29
C GLN B 38 -16.82 -21.06 -11.81
N HIS B 39 -17.65 -21.65 -10.96
CA HIS B 39 -17.67 -21.28 -9.55
C HIS B 39 -16.61 -21.98 -8.72
N PHE B 40 -16.08 -21.24 -7.76
CA PHE B 40 -15.05 -21.73 -6.85
C PHE B 40 -15.43 -21.32 -5.43
N PRO B 41 -16.40 -22.04 -4.87
CA PRO B 41 -16.87 -21.75 -3.51
C PRO B 41 -15.93 -22.33 -2.47
N SER B 42 -16.21 -22.01 -1.20
CA SER B 42 -15.49 -22.61 -0.09
C SER B 42 -14.01 -22.41 -0.18
N SER B 43 -13.61 -21.24 -0.67
CA SER B 43 -12.22 -20.82 -0.65
C SER B 43 -11.31 -21.76 -1.45
N ALA B 44 -11.84 -22.39 -2.47
CA ALA B 44 -11.02 -23.23 -3.33
C ALA B 44 -9.84 -22.45 -3.94
N LEU B 45 -10.01 -21.15 -4.15
CA LEU B 45 -8.94 -20.30 -4.70
C LEU B 45 -8.23 -19.50 -3.61
N GLY B 46 -8.46 -19.88 -2.35
CA GLY B 46 -7.91 -19.17 -1.21
C GLY B 46 -8.92 -18.35 -0.44
N GLY B 47 -8.47 -17.77 0.68
CA GLY B 47 -9.30 -16.88 1.43
C GLY B 47 -9.41 -15.56 0.69
N GLU B 48 -10.16 -14.65 1.28
CA GLU B 48 -10.48 -13.40 0.60
C GLU B 48 -9.25 -12.54 0.33
N ARG B 49 -8.29 -12.49 1.25
CA ARG B 49 -7.08 -11.69 1.00
C ARG B 49 -6.34 -12.17 -0.24
N GLU B 50 -6.14 -13.48 -0.33
CA GLU B 50 -5.44 -14.07 -1.46
C GLU B 50 -6.26 -13.90 -2.73
N MET B 51 -7.58 -14.10 -2.67
CA MET B 51 -8.37 -13.95 -3.89
C MET B 51 -8.33 -12.50 -4.42
N ILE B 52 -8.37 -11.51 -3.53
CA ILE B 52 -8.33 -10.13 -3.96
C ILE B 52 -6.98 -9.83 -4.59
N GLU B 53 -5.93 -10.33 -3.95
CA GLU B 53 -4.58 -10.23 -4.51
C GLU B 53 -4.55 -10.74 -5.95
N SER B 54 -5.13 -11.93 -6.15
CA SER B 54 -5.14 -12.61 -7.44
C SER B 54 -6.00 -11.84 -8.46
N VAL B 55 -7.13 -11.28 -8.01
CA VAL B 55 -7.97 -10.48 -8.91
C VAL B 55 -7.22 -9.22 -9.36
N GLN B 56 -6.52 -8.55 -8.44
CA GLN B 56 -5.75 -7.37 -8.79
C GLN B 56 -4.62 -7.69 -9.78
N LEU B 57 -4.00 -8.87 -9.63
CA LEU B 57 -2.94 -9.30 -10.52
C LEU B 57 -3.47 -9.89 -11.84
N GLY B 58 -4.74 -10.26 -11.82
CA GLY B 58 -5.42 -10.76 -13.00
C GLY B 58 -5.41 -12.27 -13.10
N THR B 59 -4.87 -12.96 -12.10
CA THR B 59 -4.79 -14.43 -12.15
C THR B 59 -6.07 -15.08 -11.64
N GLN B 60 -6.96 -14.27 -11.08
CA GLN B 60 -8.32 -14.70 -10.80
C GLN B 60 -9.27 -13.67 -11.41
N ASP B 61 -10.35 -14.12 -12.04
CA ASP B 61 -11.22 -13.20 -12.77
C ASP B 61 -12.22 -12.43 -11.90
N LEU B 62 -12.89 -13.14 -11.00
CA LEU B 62 -13.96 -12.56 -10.19
C LEU B 62 -13.90 -13.02 -8.75
N VAL B 63 -14.25 -12.14 -7.83
CA VAL B 63 -14.48 -12.54 -6.45
C VAL B 63 -15.76 -11.85 -5.93
N ASN B 64 -16.52 -12.57 -5.10
CA ASN B 64 -17.57 -11.96 -4.29
C ASN B 64 -16.99 -11.97 -2.89
N THR B 65 -16.62 -10.79 -2.37
CA THR B 65 -15.86 -10.71 -1.12
C THR B 65 -16.43 -9.68 -0.17
N SER B 66 -16.26 -9.92 1.12
CA SER B 66 -16.53 -8.88 2.09
C SER B 66 -15.47 -7.80 2.00
N THR B 67 -15.72 -6.66 2.67
CA THR B 67 -14.71 -5.62 2.74
C THR B 67 -13.52 -5.96 3.67
N GLY B 68 -13.61 -7.07 4.38
CA GLY B 68 -12.62 -7.36 5.42
C GLY B 68 -11.17 -7.08 5.05
N PRO B 69 -10.62 -7.85 4.09
CA PRO B 69 -9.22 -7.58 3.74
C PRO B 69 -9.09 -6.62 2.58
N LEU B 70 -10.22 -6.16 2.07
CA LEU B 70 -10.21 -5.24 0.91
C LEU B 70 -9.45 -3.96 1.24
N GLY B 71 -9.57 -3.52 2.49
CA GLY B 71 -8.92 -2.32 2.96
C GLY B 71 -7.41 -2.32 2.79
N ASN B 72 -6.83 -3.53 2.80
CA ASN B 72 -5.38 -3.68 2.61
C ASN B 72 -4.95 -3.22 1.22
N PHE B 73 -5.90 -3.22 0.29
CA PHE B 73 -5.63 -2.86 -1.11
C PHE B 73 -6.18 -1.48 -1.44
N VAL B 74 -7.26 -1.10 -0.78
CA VAL B 74 -7.92 0.19 -1.02
C VAL B 74 -8.32 0.75 0.34
N PRO B 75 -7.40 1.47 0.99
CA PRO B 75 -7.67 1.80 2.41
C PRO B 75 -8.91 2.61 2.63
N GLU B 76 -9.39 3.35 1.61
CA GLU B 76 -10.59 4.17 1.78
C GLU B 76 -11.80 3.33 2.14
N THR B 77 -11.81 2.06 1.74
CA THR B 77 -13.01 1.26 2.00
C THR B 77 -13.23 0.95 3.47
N ARG B 78 -12.20 1.12 4.29
CA ARG B 78 -12.33 0.72 5.68
C ARG B 78 -13.25 1.66 6.46
N ILE B 79 -13.63 2.77 5.85
CA ILE B 79 -14.57 3.68 6.52
C ILE B 79 -15.87 2.94 6.86
N VAL B 80 -16.28 1.97 6.03
CA VAL B 80 -17.57 1.30 6.29
C VAL B 80 -17.42 0.19 7.30
N ASP B 81 -16.20 -0.05 7.76
CA ASP B 81 -15.91 -1.10 8.71
C ASP B 81 -15.92 -0.59 10.16
N ILE B 82 -16.13 0.72 10.33
CA ILE B 82 -16.19 1.30 11.64
C ILE B 82 -17.34 0.71 12.46
N PRO B 83 -17.06 0.28 13.71
CA PRO B 83 -18.15 -0.25 14.52
C PRO B 83 -19.21 0.79 14.87
N PHE B 84 -20.47 0.37 14.76
CA PHE B 84 -21.67 1.15 15.07
C PHE B 84 -21.86 2.42 14.21
N LEU B 85 -21.28 2.38 13.02
CA LEU B 85 -21.43 3.48 12.09
C LEU B 85 -22.84 3.47 11.51
N PHE B 86 -23.34 2.27 11.18
CA PHE B 86 -24.64 2.12 10.54
C PHE B 86 -25.70 1.67 11.54
N ARG B 87 -26.92 2.12 11.30
CA ARG B 87 -28.01 1.98 12.27
C ARG B 87 -28.76 0.70 12.00
N ASP B 88 -29.00 0.43 10.73
CA ASP B 88 -29.84 -0.68 10.30
C ASP B 88 -29.62 -0.98 8.81
N TYR B 89 -30.36 -1.95 8.26
CA TYR B 89 -30.12 -2.36 6.87
C TYR B 89 -30.50 -1.27 5.88
N GLU B 90 -31.61 -0.58 6.16
CA GLU B 90 -32.06 0.48 5.29
C GLU B 90 -30.97 1.52 5.13
N HIS B 91 -30.41 1.93 6.26
CA HIS B 91 -29.35 2.92 6.29
C HIS B 91 -28.10 2.45 5.53
N ALA B 92 -27.58 1.27 5.87
CA ALA B 92 -26.36 0.77 5.25
C ALA B 92 -26.52 0.61 3.75
N ARG B 93 -27.63 0.00 3.34
CA ARG B 93 -27.86 -0.26 1.91
C ARG B 93 -27.97 1.05 1.12
N LYS B 94 -28.63 2.05 1.71
CA LYS B 94 -28.76 3.36 1.04
C LYS B 94 -27.39 4.00 0.88
N VAL B 95 -26.56 3.88 1.91
CA VAL B 95 -25.21 4.41 1.80
C VAL B 95 -24.42 3.70 0.70
N MET B 96 -24.43 2.37 0.70
CA MET B 96 -23.64 1.63 -0.30
C MET B 96 -24.14 1.91 -1.71
N ASP B 97 -25.44 2.07 -1.86
CA ASP B 97 -26.02 2.22 -3.19
C ASP B 97 -25.93 3.65 -3.72
N GLY B 98 -25.77 4.62 -2.82
CA GLY B 98 -25.70 6.02 -3.21
C GLY B 98 -24.30 6.53 -3.53
N ALA B 99 -24.15 7.85 -3.54
CA ALA B 99 -22.91 8.49 -3.99
C ALA B 99 -21.70 8.03 -3.19
N ILE B 100 -21.89 7.78 -1.91
CA ILE B 100 -20.76 7.40 -1.06
C ILE B 100 -20.23 6.01 -1.45
N GLY B 101 -21.13 5.04 -1.59
CA GLY B 101 -20.75 3.71 -2.02
C GLY B 101 -20.19 3.70 -3.44
N GLN B 102 -20.82 4.48 -4.31
CA GLN B 102 -20.36 4.60 -5.70
C GLN B 102 -18.92 5.13 -5.78
N ASP B 103 -18.59 6.13 -4.98
CA ASP B 103 -17.23 6.65 -4.92
C ASP B 103 -16.25 5.60 -4.47
N LEU B 104 -16.63 4.76 -3.52
CA LEU B 104 -15.71 3.77 -3.04
C LEU B 104 -15.38 2.74 -4.17
N LEU B 105 -16.38 2.36 -4.94
CA LEU B 105 -16.14 1.47 -6.09
C LEU B 105 -15.15 2.13 -7.05
N LYS B 106 -15.27 3.44 -7.24
CA LYS B 106 -14.33 4.11 -8.14
C LYS B 106 -12.92 4.14 -7.57
N LYS B 107 -12.80 4.28 -6.24
CA LYS B 107 -11.48 4.23 -5.61
C LYS B 107 -10.84 2.85 -5.78
N MET B 108 -11.65 1.81 -5.70
CA MET B 108 -11.21 0.43 -5.96
C MET B 108 -10.73 0.29 -7.41
N GLN B 109 -11.52 0.82 -8.33
CA GLN B 109 -11.21 0.67 -9.74
C GLN B 109 -9.87 1.29 -10.05
N ALA B 110 -9.56 2.38 -9.36
CA ALA B 110 -8.29 3.04 -9.63
C ALA B 110 -7.08 2.18 -9.21
N LYS B 111 -7.32 1.21 -8.34
CA LYS B 111 -6.24 0.31 -7.92
C LYS B 111 -6.30 -1.01 -8.63
N GLY B 112 -7.03 -1.08 -9.74
CA GLY B 112 -7.10 -2.29 -10.55
C GLY B 112 -8.08 -3.33 -10.05
N LEU B 113 -8.93 -2.93 -9.11
CA LEU B 113 -9.95 -3.82 -8.58
C LEU B 113 -11.31 -3.29 -9.05
N ILE B 114 -11.84 -3.88 -10.11
CA ILE B 114 -13.03 -3.32 -10.75
C ILE B 114 -14.29 -3.75 -9.98
N GLY B 115 -14.59 -2.98 -8.95
CA GLY B 115 -15.80 -3.19 -8.17
C GLY B 115 -17.01 -2.90 -9.04
N LEU B 116 -17.88 -3.89 -9.22
CA LEU B 116 -19.05 -3.75 -10.10
C LEU B 116 -20.30 -3.28 -9.36
N ALA B 117 -20.55 -3.86 -8.20
CA ALA B 117 -21.64 -3.41 -7.33
C ALA B 117 -21.42 -3.95 -5.93
N TRP B 118 -21.85 -3.16 -4.95
CA TRP B 118 -21.90 -3.63 -3.58
C TRP B 118 -23.02 -4.67 -3.45
N THR B 119 -22.65 -5.88 -3.02
CA THR B 119 -23.59 -6.90 -2.63
C THR B 119 -23.68 -6.79 -1.10
N GLU B 120 -23.80 -7.89 -0.37
CA GLU B 120 -23.93 -7.77 1.08
C GLU B 120 -23.54 -9.05 1.82
N ASN B 121 -22.83 -8.86 2.93
CA ASN B 121 -22.55 -9.98 3.87
C ASN B 121 -23.56 -9.90 5.02
N GLY B 122 -23.66 -8.73 5.67
CA GLY B 122 -24.68 -8.49 6.67
C GLY B 122 -24.12 -7.86 7.93
N PHE B 123 -24.98 -7.55 8.87
CA PHE B 123 -24.47 -7.15 10.18
C PHE B 123 -23.81 -8.36 10.84
N ARG B 124 -22.67 -8.09 11.47
CA ARG B 124 -21.88 -9.12 12.14
C ARG B 124 -22.23 -9.21 13.63
N HIS B 125 -22.21 -10.44 14.11
CA HIS B 125 -22.57 -10.81 15.47
C HIS B 125 -21.50 -11.68 16.14
N MET B 126 -21.29 -11.48 17.44
N MET B 126 -21.30 -11.48 17.43
CA MET B 126 -20.29 -12.22 18.19
CA MET B 126 -20.29 -12.20 18.22
C MET B 126 -20.73 -13.61 18.64
C MET B 126 -20.74 -13.61 18.62
N THR B 127 -19.87 -14.59 18.40
CA THR B 127 -20.04 -15.91 18.95
C THR B 127 -18.81 -16.27 19.79
N ASN B 128 -18.98 -17.18 20.75
CA ASN B 128 -17.82 -17.68 21.49
C ASN B 128 -18.16 -18.99 22.20
N SER B 129 -17.15 -19.65 22.75
CA SER B 129 -17.40 -20.93 23.40
C SER B 129 -17.27 -20.86 24.92
N LYS B 130 -17.07 -19.67 25.45
CA LYS B 130 -16.77 -19.52 26.87
C LYS B 130 -17.95 -19.05 27.73
N ARG B 131 -18.67 -18.02 27.27
CA ARG B 131 -19.73 -17.44 28.10
C ARG B 131 -20.67 -16.52 27.35
N PRO B 132 -21.86 -16.28 27.91
CA PRO B 132 -22.78 -15.35 27.25
C PRO B 132 -22.20 -13.93 27.26
N ILE B 133 -22.44 -13.22 26.17
CA ILE B 133 -22.09 -11.82 26.06
C ILE B 133 -23.36 -10.96 26.07
N LEU B 134 -23.55 -10.21 27.16
CA LEU B 134 -24.74 -9.36 27.34
C LEU B 134 -24.40 -7.86 27.23
N GLN B 135 -23.13 -7.53 27.44
CA GLN B 135 -22.65 -6.17 27.42
C GLN B 135 -21.15 -6.21 27.16
N ALA B 136 -20.54 -5.05 26.93
CA ALA B 136 -19.14 -5.02 26.53
C ALA B 136 -18.19 -5.69 27.54
N SER B 137 -18.46 -5.54 28.84
CA SER B 137 -17.57 -6.10 29.84
C SER B 137 -17.53 -7.63 29.80
N ASP B 138 -18.56 -8.27 29.25
CA ASP B 138 -18.54 -9.72 29.07
C ASP B 138 -17.56 -10.17 27.99
N ALA B 139 -17.34 -9.31 26.99
CA ALA B 139 -16.45 -9.65 25.90
C ALA B 139 -14.99 -9.50 26.35
N ALA B 140 -14.77 -8.71 27.39
CA ALA B 140 -13.40 -8.43 27.81
C ALA B 140 -12.64 -9.70 28.16
N GLY B 141 -11.45 -9.84 27.59
CA GLY B 141 -10.59 -10.97 27.86
C GLY B 141 -10.76 -12.14 26.90
N LEU B 142 -11.85 -12.17 26.16
CA LEU B 142 -12.03 -13.24 25.18
C LEU B 142 -11.05 -13.09 24.04
N LYS B 143 -10.51 -14.22 23.58
CA LYS B 143 -9.72 -14.25 22.34
C LYS B 143 -10.67 -14.48 21.18
N VAL B 144 -10.63 -13.58 20.20
N VAL B 144 -10.70 -13.55 20.25
CA VAL B 144 -11.61 -13.60 19.13
CA VAL B 144 -11.58 -13.70 19.11
C VAL B 144 -10.87 -13.43 17.80
C VAL B 144 -10.79 -13.51 17.84
N ARG B 145 -11.10 -14.35 16.87
CA ARG B 145 -10.59 -14.18 15.51
C ARG B 145 -11.30 -12.97 14.92
N THR B 146 -10.52 -12.17 14.16
CA THR B 146 -11.08 -11.13 13.33
C THR B 146 -10.66 -11.35 11.88
N MET B 147 -11.33 -10.65 10.97
CA MET B 147 -10.82 -10.59 9.62
C MET B 147 -9.50 -9.81 9.61
N GLU B 148 -8.90 -9.78 8.43
CA GLU B 148 -7.59 -9.19 8.24
C GLU B 148 -7.77 -7.71 8.01
N ASN B 149 -8.20 -7.01 9.07
CA ASN B 149 -8.70 -5.65 8.96
C ASN B 149 -8.34 -4.84 10.20
N LYS B 150 -7.46 -3.86 10.02
CA LYS B 150 -6.93 -3.10 11.16
C LYS B 150 -7.98 -2.25 11.86
N VAL B 151 -9.01 -1.82 11.15
CA VAL B 151 -10.10 -1.07 11.78
C VAL B 151 -10.91 -1.95 12.70
N HIS B 152 -11.22 -3.16 12.25
CA HIS B 152 -11.91 -4.11 13.13
C HIS B 152 -11.02 -4.46 14.34
N MET B 153 -9.73 -4.67 14.10
CA MET B 153 -8.83 -5.02 15.21
C MET B 153 -8.82 -3.90 16.24
N ASP B 154 -8.49 -2.69 15.80
CA ASP B 154 -8.43 -1.52 16.69
C ASP B 154 -9.76 -1.28 17.39
N GLY B 155 -10.83 -1.32 16.62
CA GLY B 155 -12.15 -1.07 17.16
C GLY B 155 -12.60 -2.10 18.19
N TYR B 156 -12.42 -3.39 17.88
CA TYR B 156 -12.86 -4.45 18.79
C TYR B 156 -12.00 -4.49 20.07
N LYS B 157 -10.75 -4.05 19.98
CA LYS B 157 -9.89 -4.02 21.16
C LYS B 157 -10.51 -3.13 22.22
N THR B 158 -11.31 -2.14 21.80
CA THR B 158 -11.92 -1.23 22.78
C THR B 158 -12.94 -1.96 23.67
N PHE B 159 -13.49 -3.07 23.17
CA PHE B 159 -14.39 -3.91 23.96
C PHE B 159 -13.62 -4.81 24.93
N GLY B 160 -12.28 -4.81 24.87
CA GLY B 160 -11.50 -5.67 25.75
C GLY B 160 -11.19 -7.05 25.14
N LEU B 161 -11.68 -7.28 23.93
CA LEU B 161 -11.40 -8.51 23.18
C LEU B 161 -9.93 -8.52 22.79
N LEU B 162 -9.39 -9.71 22.62
CA LEU B 162 -8.01 -9.86 22.16
C LEU B 162 -8.08 -10.44 20.75
N PRO B 163 -7.84 -9.61 19.74
CA PRO B 163 -8.05 -10.05 18.34
C PRO B 163 -6.87 -10.82 17.76
N THR B 164 -7.14 -11.85 16.95
CA THR B 164 -6.15 -12.47 16.09
C THR B 164 -6.75 -12.50 14.69
N PRO B 165 -6.10 -11.86 13.71
CA PRO B 165 -6.61 -11.92 12.35
C PRO B 165 -6.35 -13.31 11.76
N MET B 166 -7.31 -13.90 11.04
CA MET B 166 -7.13 -15.20 10.38
C MET B 166 -7.94 -15.20 9.09
N ALA B 167 -7.38 -15.80 8.04
CA ALA B 167 -8.13 -16.04 6.81
C ALA B 167 -9.32 -16.92 7.14
N PHE B 168 -10.44 -16.69 6.48
CA PHE B 168 -11.66 -17.41 6.80
C PHE B 168 -11.55 -18.95 6.71
N PRO B 169 -10.86 -19.50 5.69
CA PRO B 169 -10.86 -20.96 5.63
C PRO B 169 -10.22 -21.65 6.85
N GLU B 170 -9.47 -20.92 7.67
CA GLU B 170 -8.83 -21.51 8.85
C GLU B 170 -9.67 -21.36 10.13
N LEU B 171 -10.75 -20.60 10.04
CA LEU B 171 -11.56 -20.25 11.20
C LEU B 171 -12.25 -21.44 11.87
N PHE B 172 -12.88 -22.31 11.09
CA PHE B 172 -13.66 -23.39 11.68
C PHE B 172 -12.77 -24.24 12.60
N THR B 173 -11.60 -24.61 12.10
CA THR B 173 -10.67 -25.44 12.86
C THR B 173 -10.08 -24.70 14.07
N ALA B 174 -9.79 -23.43 13.91
CA ALA B 174 -9.28 -22.62 15.01
C ALA B 174 -10.30 -22.60 16.15
N LEU B 175 -11.57 -22.44 15.81
CA LEU B 175 -12.63 -22.52 16.81
C LEU B 175 -12.73 -23.89 17.42
N GLN B 176 -12.66 -24.93 16.57
CA GLN B 176 -12.81 -26.30 17.04
C GLN B 176 -11.74 -26.65 18.07
N GLN B 177 -10.51 -26.21 17.79
CA GLN B 177 -9.37 -26.55 18.63
C GLN B 177 -9.20 -25.59 19.83
N GLY B 178 -10.03 -24.56 19.93
CA GLY B 178 -9.92 -23.62 21.03
C GLY B 178 -8.75 -22.64 20.93
N THR B 179 -8.19 -22.47 19.74
CA THR B 179 -7.11 -21.52 19.57
C THR B 179 -7.59 -20.13 19.91
N VAL B 180 -8.79 -19.82 19.46
CA VAL B 180 -9.51 -18.64 19.93
C VAL B 180 -10.81 -19.06 20.58
N ASP B 181 -11.34 -18.20 21.44
CA ASP B 181 -12.60 -18.45 22.09
C ASP B 181 -13.76 -18.22 21.15
N GLY B 182 -13.63 -17.29 20.21
CA GLY B 182 -14.79 -16.94 19.41
C GLY B 182 -14.45 -16.20 18.13
N GLN B 183 -15.49 -15.67 17.51
CA GLN B 183 -15.38 -14.94 16.27
C GLN B 183 -16.60 -14.05 16.09
N GLU B 184 -16.71 -13.42 14.92
CA GLU B 184 -17.91 -12.63 14.66
C GLU B 184 -18.21 -12.62 13.16
N ASN B 185 -19.49 -12.74 12.82
CA ASN B 185 -19.89 -12.87 11.43
C ASN B 185 -21.38 -12.66 11.31
N PRO B 186 -21.85 -12.38 10.09
CA PRO B 186 -23.31 -12.32 9.92
C PRO B 186 -23.99 -13.70 10.03
N ILE B 187 -25.28 -13.71 10.34
CA ILE B 187 -26.03 -14.97 10.41
C ILE B 187 -25.89 -15.86 9.13
N PRO B 188 -25.95 -15.27 7.93
CA PRO B 188 -25.77 -16.17 6.78
C PRO B 188 -24.42 -16.91 6.74
N VAL B 189 -23.37 -16.33 7.31
CA VAL B 189 -22.08 -17.04 7.38
C VAL B 189 -22.10 -18.11 8.49
N ILE B 190 -22.59 -17.73 9.66
CA ILE B 190 -22.64 -18.64 10.80
C ILE B 190 -23.43 -19.88 10.43
N LEU B 191 -24.51 -19.68 9.69
CA LEU B 191 -25.35 -20.78 9.22
C LEU B 191 -24.65 -21.64 8.18
N SER B 192 -24.19 -21.00 7.11
CA SER B 192 -23.70 -21.75 5.97
C SER B 192 -22.38 -22.46 6.30
N SER B 193 -21.60 -21.93 7.23
CA SER B 193 -20.35 -22.59 7.66
C SER B 193 -20.50 -23.50 8.89
N LYS B 194 -21.73 -23.73 9.34
CA LYS B 194 -21.99 -24.63 10.47
C LYS B 194 -21.19 -24.32 11.76
N PHE B 195 -21.04 -23.05 12.10
CA PHE B 195 -20.30 -22.66 13.29
C PHE B 195 -21.02 -23.07 14.59
N SER B 196 -22.29 -23.47 14.50
CA SER B 196 -23.00 -23.99 15.69
C SER B 196 -22.35 -25.26 16.19
N GLN B 197 -21.60 -25.93 15.32
CA GLN B 197 -20.89 -27.14 15.73
C GLN B 197 -19.73 -26.83 16.67
N VAL B 198 -19.20 -25.60 16.61
CA VAL B 198 -17.96 -25.27 17.31
C VAL B 198 -18.08 -24.00 18.16
N GLN B 199 -19.28 -23.48 18.30
CA GLN B 199 -19.52 -22.28 19.14
C GLN B 199 -20.83 -22.44 19.89
N LYS B 200 -20.80 -22.30 21.21
CA LYS B 200 -21.98 -22.51 22.06
C LYS B 200 -22.84 -21.25 22.19
N HIS B 201 -22.21 -20.09 22.07
CA HIS B 201 -22.88 -18.82 22.36
C HIS B 201 -22.95 -17.89 21.14
N LEU B 202 -24.10 -17.24 20.97
CA LEU B 202 -24.28 -16.17 19.97
C LEU B 202 -24.94 -14.97 20.63
N SER B 203 -24.42 -13.77 20.37
CA SER B 203 -25.09 -12.53 20.79
C SER B 203 -25.30 -11.64 19.58
N LEU B 204 -26.51 -11.10 19.45
CA LEU B 204 -26.82 -10.20 18.32
C LEU B 204 -26.32 -8.77 18.60
N THR B 205 -25.01 -8.64 18.63
CA THR B 205 -24.34 -7.38 18.89
C THR B 205 -24.46 -6.40 17.71
N GLY B 206 -24.54 -6.91 16.49
CA GLY B 206 -24.74 -6.09 15.30
C GLY B 206 -23.69 -4.99 15.26
N HIS B 207 -22.46 -5.35 15.60
CA HIS B 207 -21.45 -4.34 15.94
C HIS B 207 -20.81 -3.64 14.74
N VAL B 208 -20.83 -4.28 13.56
CA VAL B 208 -20.41 -3.64 12.30
C VAL B 208 -21.35 -4.11 11.21
N TYR B 209 -21.47 -3.31 10.16
CA TYR B 209 -22.10 -3.77 8.92
C TYR B 209 -20.98 -4.22 8.00
N SER B 210 -21.17 -5.41 7.42
CA SER B 210 -20.19 -5.99 6.49
C SER B 210 -20.76 -5.97 5.06
N PRO B 211 -20.34 -4.98 4.22
CA PRO B 211 -20.76 -5.10 2.82
C PRO B 211 -19.97 -6.22 2.15
N ALA B 212 -20.46 -6.68 0.99
CA ALA B 212 -19.67 -7.53 0.10
C ALA B 212 -19.67 -6.83 -1.26
N VAL B 213 -18.81 -7.28 -2.16
CA VAL B 213 -18.67 -6.61 -3.44
C VAL B 213 -18.25 -7.66 -4.47
N LEU B 214 -18.85 -7.55 -5.65
CA LEU B 214 -18.44 -8.33 -6.81
C LEU B 214 -17.36 -7.53 -7.52
N ILE B 215 -16.14 -8.09 -7.56
CA ILE B 215 -14.98 -7.42 -8.16
C ILE B 215 -14.48 -8.25 -9.34
N LEU B 216 -14.30 -7.57 -10.47
CA LEU B 216 -13.73 -8.16 -11.68
C LEU B 216 -12.31 -7.66 -11.85
N SER B 217 -11.46 -8.48 -12.45
CA SER B 217 -10.08 -8.08 -12.68
C SER B 217 -10.04 -6.96 -13.72
N SER B 218 -9.07 -6.05 -13.61
CA SER B 218 -8.88 -5.09 -14.68
C SER B 218 -8.47 -5.77 -15.98
N ARG B 219 -7.77 -6.89 -15.89
CA ARG B 219 -7.36 -7.65 -17.08
C ARG B 219 -8.59 -7.93 -17.93
N VAL B 220 -9.67 -8.45 -17.33
CA VAL B 220 -10.88 -8.78 -18.09
C VAL B 220 -11.66 -7.54 -18.48
N TRP B 221 -11.84 -6.60 -17.53
CA TRP B 221 -12.65 -5.43 -17.77
C TRP B 221 -12.13 -4.69 -18.99
N ASP B 222 -10.82 -4.52 -19.05
CA ASP B 222 -10.23 -3.72 -20.12
C ASP B 222 -10.33 -4.40 -21.48
N LYS B 223 -10.71 -5.68 -21.48
CA LYS B 223 -10.93 -6.39 -22.74
C LYS B 223 -12.39 -6.30 -23.19
N LEU B 224 -13.25 -5.83 -22.30
CA LEU B 224 -14.69 -5.77 -22.61
C LEU B 224 -15.02 -4.63 -23.54
N SER B 225 -16.04 -4.82 -24.37
CA SER B 225 -16.64 -3.74 -25.14
C SER B 225 -17.36 -2.80 -24.18
N GLU B 226 -17.64 -1.58 -24.63
CA GLU B 226 -18.33 -0.63 -23.74
C GLU B 226 -19.73 -1.16 -23.42
N ALA B 227 -20.34 -1.84 -24.39
CA ALA B 227 -21.62 -2.49 -24.17
C ALA B 227 -21.55 -3.54 -23.07
N ASP B 228 -20.52 -4.39 -23.11
CA ASP B 228 -20.42 -5.48 -22.14
C ASP B 228 -20.12 -4.90 -20.76
N LYS B 229 -19.38 -3.80 -20.71
CA LYS B 229 -19.12 -3.16 -19.42
C LYS B 229 -20.43 -2.85 -18.69
N LYS B 230 -21.40 -2.31 -19.42
CA LYS B 230 -22.71 -2.01 -18.85
C LYS B 230 -23.47 -3.27 -18.43
N VAL B 231 -23.37 -4.33 -19.23
CA VAL B 231 -24.00 -5.62 -18.90
C VAL B 231 -23.43 -6.22 -17.60
N PHE B 232 -22.12 -6.13 -17.41
CA PHE B 232 -21.49 -6.67 -16.23
C PHE B 232 -21.96 -5.94 -14.96
N VAL B 233 -22.06 -4.62 -15.05
CA VAL B 233 -22.46 -3.81 -13.89
C VAL B 233 -23.94 -4.07 -13.60
N ALA B 234 -24.78 -4.07 -14.63
CA ALA B 234 -26.20 -4.35 -14.44
C ALA B 234 -26.40 -5.74 -13.81
N ALA B 235 -25.61 -6.71 -14.27
CA ALA B 235 -25.69 -8.08 -13.75
C ALA B 235 -25.36 -8.08 -12.26
N ALA B 236 -24.29 -7.39 -11.88
CA ALA B 236 -23.88 -7.29 -10.49
C ALA B 236 -24.96 -6.61 -9.65
N GLN B 237 -25.63 -5.61 -10.21
CA GLN B 237 -26.68 -4.93 -9.47
C GLN B 237 -27.91 -5.82 -9.26
N LYS B 238 -28.18 -6.72 -10.21
CA LYS B 238 -29.27 -7.65 -10.01
C LYS B 238 -28.89 -8.61 -8.89
N ALA B 239 -27.60 -8.94 -8.85
CA ALA B 239 -27.07 -9.87 -7.86
C ALA B 239 -27.18 -9.28 -6.46
N THR B 240 -26.93 -7.98 -6.34
CA THR B 240 -27.15 -7.28 -5.08
C THR B 240 -28.52 -7.60 -4.49
N VAL B 241 -29.54 -7.55 -5.35
CA VAL B 241 -30.91 -7.73 -4.87
C VAL B 241 -31.09 -9.16 -4.38
N ALA B 242 -30.70 -10.13 -5.20
CA ALA B 242 -30.83 -11.52 -4.84
C ALA B 242 -30.08 -11.82 -3.53
N GLN B 243 -28.87 -11.27 -3.42
CA GLN B 243 -28.00 -11.58 -2.31
C GLN B 243 -28.58 -11.01 -1.01
N ARG B 244 -29.07 -9.78 -1.08
CA ARG B 244 -29.65 -9.15 0.10
C ARG B 244 -30.89 -9.90 0.56
N LYS B 245 -31.64 -10.44 -0.39
CA LYS B 245 -32.81 -11.22 -0.04
C LYS B 245 -32.41 -12.45 0.77
N ARG B 246 -31.36 -13.13 0.33
CA ARG B 246 -30.93 -14.33 1.05
C ARG B 246 -30.43 -13.95 2.45
N VAL B 247 -29.71 -12.85 2.56
CA VAL B 247 -29.30 -12.37 3.87
C VAL B 247 -30.51 -12.26 4.80
N ASN B 248 -31.55 -11.56 4.34
CA ASN B 248 -32.77 -11.29 5.12
C ASN B 248 -33.39 -12.62 5.53
N ASP B 249 -33.53 -13.53 4.57
CA ASP B 249 -34.21 -14.81 4.84
C ASP B 249 -33.45 -15.62 5.86
N ASP B 250 -32.13 -15.60 5.76
CA ASP B 250 -31.28 -16.33 6.69
C ASP B 250 -31.44 -15.79 8.10
N GLU B 251 -31.51 -14.46 8.21
CA GLU B 251 -31.75 -13.85 9.51
C GLU B 251 -33.15 -14.14 10.04
N ALA B 252 -34.14 -14.19 9.15
CA ALA B 252 -35.52 -14.48 9.56
C ALA B 252 -35.68 -15.89 10.10
N ASN B 253 -34.98 -16.84 9.51
CA ASN B 253 -35.13 -18.26 9.84
C ASN B 253 -33.99 -18.80 10.71
N GLY B 254 -32.86 -18.10 10.67
CA GLY B 254 -31.60 -18.65 11.15
C GLY B 254 -31.48 -18.71 12.66
N ILE B 255 -32.16 -17.81 13.34
CA ILE B 255 -32.03 -17.74 14.77
C ILE B 255 -32.63 -18.98 15.42
N THR B 256 -33.86 -19.34 15.06
CA THR B 256 -34.45 -20.52 15.68
C THR B 256 -33.70 -21.79 15.28
N GLN B 257 -33.18 -21.82 14.06
CA GLN B 257 -32.33 -22.92 13.62
C GLN B 257 -31.07 -23.06 14.47
N LEU B 258 -30.34 -21.97 14.68
CA LEU B 258 -29.13 -22.02 15.48
C LEU B 258 -29.43 -22.46 16.90
N LYS B 259 -30.55 -22.01 17.45
CA LYS B 259 -31.04 -22.50 18.75
C LYS B 259 -31.26 -24.02 18.74
N LYS B 260 -31.96 -24.52 17.73
CA LYS B 260 -32.20 -25.96 17.63
C LYS B 260 -30.88 -26.75 17.53
N ASP B 261 -29.90 -26.15 16.85
CA ASP B 261 -28.58 -26.72 16.69
C ASP B 261 -27.73 -26.59 17.92
N GLY B 262 -28.27 -26.02 18.99
CA GLY B 262 -27.59 -26.03 20.26
C GLY B 262 -27.03 -24.71 20.77
N MET B 263 -27.15 -23.65 20.00
CA MET B 263 -26.58 -22.38 20.42
C MET B 263 -27.48 -21.71 21.43
N GLN B 264 -26.86 -21.09 22.46
CA GLN B 264 -27.58 -20.21 23.39
C GLN B 264 -27.49 -18.82 22.81
N VAL B 265 -28.64 -18.25 22.44
CA VAL B 265 -28.65 -16.98 21.71
C VAL B 265 -29.15 -15.84 22.59
N VAL B 266 -28.31 -14.81 22.73
CA VAL B 266 -28.70 -13.57 23.39
C VAL B 266 -29.18 -12.62 22.31
N GLU B 267 -30.48 -12.33 22.29
CA GLU B 267 -31.05 -11.49 21.24
C GLU B 267 -31.05 -10.01 21.60
N LYS B 268 -30.94 -9.71 22.89
CA LYS B 268 -30.84 -8.31 23.32
C LYS B 268 -29.55 -8.06 24.09
N VAL B 269 -28.64 -7.28 23.52
CA VAL B 269 -27.44 -6.90 24.24
C VAL B 269 -27.58 -5.46 24.70
N ASP B 270 -26.73 -5.07 25.65
CA ASP B 270 -26.59 -3.68 26.06
C ASP B 270 -25.78 -2.97 24.98
N GLY B 271 -26.47 -2.44 23.97
CA GLY B 271 -25.82 -1.74 22.87
C GLY B 271 -25.05 -0.50 23.29
N GLU B 272 -25.60 0.25 24.23
CA GLU B 272 -24.91 1.43 24.73
C GLU B 272 -23.52 1.10 25.23
N SER B 273 -23.38 0.00 25.96
CA SER B 273 -22.10 -0.34 26.54
C SER B 273 -21.01 -0.53 25.47
N PHE B 274 -21.37 -1.12 24.33
CA PHE B 274 -20.44 -1.29 23.23
C PHE B 274 -20.16 0.03 22.52
N ARG B 275 -21.20 0.84 22.32
CA ARG B 275 -21.01 2.16 21.69
C ARG B 275 -20.12 3.09 22.53
N LYS B 276 -20.32 3.11 23.85
CA LYS B 276 -19.47 3.89 24.74
C LYS B 276 -18.02 3.41 24.70
N ALA B 277 -17.83 2.10 24.59
CA ALA B 277 -16.50 1.51 24.59
C ALA B 277 -15.70 1.94 23.37
N VAL B 278 -16.36 2.00 22.22
CA VAL B 278 -15.67 2.28 20.98
C VAL B 278 -15.53 3.76 20.66
N ALA B 279 -16.23 4.62 21.41
CA ALA B 279 -16.16 6.06 21.10
C ALA B 279 -14.71 6.65 21.02
N PRO B 280 -13.84 6.28 21.96
CA PRO B 280 -12.48 6.80 21.91
C PRO B 280 -11.77 6.48 20.58
N ALA B 281 -12.10 5.38 19.93
CA ALA B 281 -11.39 5.01 18.71
C ALA B 281 -11.80 5.89 17.54
N TYR B 282 -12.87 6.67 17.70
CA TYR B 282 -13.32 7.55 16.64
C TYR B 282 -12.36 8.72 16.45
N ALA B 283 -11.50 9.00 17.41
CA ALA B 283 -10.41 9.96 17.16
C ALA B 283 -9.56 9.48 15.98
N GLY B 284 -9.04 8.27 16.13
CA GLY B 284 -8.27 7.63 15.07
C GLY B 284 -9.05 7.49 13.77
N PHE B 285 -10.29 7.04 13.87
CA PHE B 285 -11.12 6.89 12.67
C PHE B 285 -11.31 8.20 11.92
N ALA B 286 -11.59 9.29 12.63
CA ALA B 286 -11.82 10.55 11.97
C ALA B 286 -10.52 11.07 11.37
N LYS B 287 -9.41 10.85 12.05
CA LYS B 287 -8.13 11.34 11.56
C LYS B 287 -7.86 10.66 10.21
N GLU B 288 -8.15 9.37 10.15
CA GLU B 288 -7.87 8.60 8.94
C GLU B 288 -8.85 8.85 7.80
N PHE B 289 -10.15 8.87 8.09
CA PHE B 289 -11.17 8.90 7.06
C PHE B 289 -11.83 10.26 6.83
N GLY B 290 -11.71 11.15 7.81
CA GLY B 290 -12.39 12.42 7.75
C GLY B 290 -13.67 12.41 8.57
N ALA B 291 -13.72 13.26 9.60
CA ALA B 291 -14.93 13.36 10.38
C ALA B 291 -16.16 13.73 9.53
N GLU B 292 -15.97 14.51 8.47
CA GLU B 292 -17.08 14.91 7.63
C GLU B 292 -17.58 13.75 6.74
N ARG B 293 -16.71 12.78 6.44
CA ARG B 293 -17.11 11.62 5.68
C ARG B 293 -17.87 10.62 6.58
N ILE B 294 -17.43 10.48 7.83
CA ILE B 294 -18.18 9.71 8.82
C ILE B 294 -19.57 10.36 9.00
N ALA B 295 -19.60 11.67 9.16
CA ALA B 295 -20.88 12.35 9.38
C ALA B 295 -21.80 12.24 8.16
N ALA B 296 -21.23 12.32 6.95
CA ALA B 296 -22.03 12.18 5.72
C ALA B 296 -22.74 10.82 5.71
N ILE B 297 -22.02 9.80 6.14
CA ILE B 297 -22.58 8.47 6.20
C ILE B 297 -23.71 8.43 7.23
N GLN B 298 -23.47 9.00 8.41
CA GLN B 298 -24.48 8.97 9.47
C GLN B 298 -25.75 9.73 9.08
N ALA B 299 -25.60 10.80 8.30
CA ALA B 299 -26.74 11.63 7.90
C ALA B 299 -27.73 10.89 6.99
N VAL B 300 -27.24 9.93 6.21
CA VAL B 300 -28.09 9.22 5.25
C VAL B 300 -29.26 8.52 5.94
N LYS B 301 -30.46 8.80 5.46
CA LYS B 301 -31.70 8.25 6.00
C LYS B 301 -31.97 8.58 7.47
N ALA B 302 -31.29 9.59 8.02
CA ALA B 302 -31.55 10.01 9.39
C ALA B 302 -32.76 10.95 9.43
N GLU B 303 -33.85 10.47 9.97
CA GLU B 303 -35.08 11.26 10.01
C GLU B 303 -35.57 11.45 11.44
N PCA C 1 24.43 -6.48 -26.66
CA PCA C 1 23.89 -5.67 -25.57
CB PCA C 1 23.31 -4.36 -26.09
CG PCA C 1 23.32 -4.43 -27.60
CD PCA C 1 24.06 -5.71 -27.85
OE PCA C 1 24.35 -6.06 -29.00
C PCA C 1 22.79 -6.40 -24.81
O PCA C 1 22.06 -7.21 -25.40
N THR C 2 22.68 -6.14 -23.51
CA THR C 2 21.50 -6.51 -22.75
C THR C 2 20.35 -5.61 -23.15
N ILE C 3 19.23 -6.19 -23.56
CA ILE C 3 18.14 -5.39 -24.08
C ILE C 3 17.17 -5.04 -22.96
N LEU C 4 16.92 -3.75 -22.82
CA LEU C 4 15.99 -3.27 -21.81
C LEU C 4 14.70 -2.84 -22.46
N LYS C 5 13.57 -3.36 -21.97
CA LYS C 5 12.27 -2.99 -22.52
C LYS C 5 11.82 -1.67 -21.88
N ILE C 6 11.52 -0.67 -22.71
CA ILE C 6 10.99 0.61 -22.21
C ILE C 6 9.60 0.83 -22.78
N GLY C 7 8.63 0.97 -21.88
CA GLY C 7 7.25 1.13 -22.27
C GLY C 7 6.67 2.47 -21.90
N TYR C 8 5.66 2.88 -22.66
CA TYR C 8 4.93 4.13 -22.42
C TYR C 8 3.63 4.09 -23.21
N THR C 9 2.69 4.95 -22.86
CA THR C 9 1.38 4.94 -23.48
C THR C 9 1.23 5.75 -24.78
N PRO C 10 1.88 6.92 -24.88
CA PRO C 10 1.82 7.59 -26.19
C PRO C 10 2.55 6.82 -27.30
N PRO C 11 2.31 7.18 -28.58
CA PRO C 11 3.13 6.59 -29.64
C PRO C 11 4.57 7.06 -29.56
N LYS C 12 5.45 6.43 -30.34
CA LYS C 12 6.84 6.83 -30.35
C LYS C 12 7.01 8.30 -30.80
N ASP C 13 6.16 8.75 -31.73
CA ASP C 13 6.21 10.13 -32.20
C ASP C 13 5.44 10.99 -31.21
N SER C 14 6.10 11.33 -30.10
CA SER C 14 5.46 12.02 -28.98
C SER C 14 6.51 12.56 -28.04
N HIS C 15 6.11 13.41 -27.11
CA HIS C 15 7.00 13.81 -26.06
C HIS C 15 7.61 12.63 -25.28
N TYR C 16 6.82 11.60 -24.95
CA TYR C 16 7.35 10.48 -24.18
C TYR C 16 8.32 9.66 -25.04
N GLY C 17 8.05 9.56 -26.33
CA GLY C 17 8.95 8.83 -27.21
C GLY C 17 10.27 9.56 -27.40
N VAL C 18 10.22 10.87 -27.50
CA VAL C 18 11.44 11.67 -27.56
C VAL C 18 12.28 11.48 -26.29
N GLY C 19 11.63 11.50 -25.12
CA GLY C 19 12.34 11.30 -23.88
C GLY C 19 12.97 9.91 -23.83
N ALA C 20 12.17 8.90 -24.17
CA ALA C 20 12.64 7.52 -24.19
C ALA C 20 13.83 7.33 -25.13
N THR C 21 13.74 7.92 -26.30
CA THR C 21 14.81 7.78 -27.30
C THR C 21 16.08 8.50 -26.82
N THR C 22 15.94 9.69 -26.26
CA THR C 22 17.10 10.43 -25.76
C THR C 22 17.79 9.67 -24.63
N PHE C 23 16.98 9.17 -23.69
CA PHE C 23 17.51 8.36 -22.60
C PHE C 23 18.27 7.16 -23.16
N CYS C 24 17.62 6.44 -24.06
CA CYS C 24 18.16 5.17 -24.56
C CYS C 24 19.44 5.38 -25.34
N ASP C 25 19.43 6.38 -26.22
CA ASP C 25 20.62 6.75 -26.99
C ASP C 25 21.82 7.03 -26.08
N GLU C 26 21.60 7.79 -25.00
CA GLU C 26 22.68 8.14 -24.07
C GLU C 26 23.16 6.95 -23.23
N VAL C 27 22.23 6.06 -22.86
CA VAL C 27 22.59 4.86 -22.14
C VAL C 27 23.44 3.95 -23.05
N GLU C 28 23.04 3.83 -24.30
CA GLU C 28 23.75 2.99 -25.26
C GLU C 28 25.16 3.55 -25.46
N LYS C 29 25.27 4.86 -25.60
CA LYS C 29 26.58 5.47 -25.78
C LYS C 29 27.45 5.34 -24.53
N GLY C 30 26.89 5.67 -23.38
CA GLY C 30 27.66 5.72 -22.15
C GLY C 30 28.04 4.37 -21.60
N THR C 31 27.29 3.33 -21.93
CA THR C 31 27.64 1.98 -21.52
C THR C 31 28.31 1.19 -22.64
N GLN C 32 28.70 1.87 -23.71
CA GLN C 32 29.35 1.21 -24.83
C GLN C 32 28.58 -0.01 -25.31
N GLU C 33 27.27 0.15 -25.42
CA GLU C 33 26.38 -0.87 -25.96
C GLU C 33 26.27 -2.11 -25.05
N ARG C 34 26.67 -1.96 -23.80
CA ARG C 34 26.40 -3.00 -22.81
C ARG C 34 24.89 -3.11 -22.60
N TYR C 35 24.20 -1.99 -22.72
CA TYR C 35 22.74 -1.94 -22.62
C TYR C 35 22.15 -1.25 -23.85
N LYS C 36 20.98 -1.74 -24.28
CA LYS C 36 20.26 -1.12 -25.38
C LYS C 36 18.75 -1.23 -25.16
N CYS C 37 18.01 -0.20 -25.55
CA CYS C 37 16.55 -0.24 -25.43
C CYS C 37 15.83 -0.95 -26.58
N GLN C 38 14.71 -1.58 -26.23
CA GLN C 38 13.66 -1.89 -27.20
C GLN C 38 12.39 -1.18 -26.72
N HIS C 39 11.81 -0.36 -27.60
CA HIS C 39 10.64 0.46 -27.27
C HIS C 39 9.35 -0.32 -27.41
N PHE C 40 8.45 -0.06 -26.47
CA PHE C 40 7.08 -0.56 -26.48
C PHE C 40 6.13 0.62 -26.29
N PRO C 41 5.93 1.39 -27.36
CA PRO C 41 5.02 2.54 -27.33
C PRO C 41 3.55 2.09 -27.37
N SER C 42 2.65 3.05 -27.19
CA SER C 42 1.24 2.84 -27.37
C SER C 42 0.70 1.70 -26.49
N SER C 43 1.22 1.61 -25.28
CA SER C 43 0.67 0.70 -24.27
C SER C 43 0.76 -0.77 -24.65
N ALA C 44 1.77 -1.12 -25.44
CA ALA C 44 1.92 -2.52 -25.83
C ALA C 44 2.11 -3.43 -24.64
N LEU C 45 2.74 -2.90 -23.59
CA LEU C 45 2.97 -3.60 -22.33
C LEU C 45 1.91 -3.29 -21.27
N GLY C 46 0.83 -2.65 -21.69
CA GLY C 46 -0.25 -2.26 -20.79
C GLY C 46 -0.30 -0.78 -20.55
N GLY C 47 -1.34 -0.34 -19.83
CA GLY C 47 -1.41 1.03 -19.36
C GLY C 47 -0.40 1.33 -18.27
N GLU C 48 -0.39 2.56 -17.79
CA GLU C 48 0.61 2.98 -16.82
C GLU C 48 0.56 2.23 -15.49
N ARG C 49 -0.63 1.97 -14.96
CA ARG C 49 -0.73 1.24 -13.69
C ARG C 49 -0.06 -0.15 -13.82
N GLU C 50 -0.40 -0.89 -14.86
CA GLU C 50 0.14 -2.22 -15.05
C GLU C 50 1.66 -2.13 -15.28
N MET C 51 2.11 -1.16 -16.09
CA MET C 51 3.54 -1.02 -16.36
C MET C 51 4.33 -0.71 -15.09
N ILE C 52 3.82 0.18 -14.26
CA ILE C 52 4.50 0.49 -13.01
C ILE C 52 4.57 -0.73 -12.08
N GLU C 53 3.46 -1.45 -11.99
CA GLU C 53 3.40 -2.72 -11.27
C GLU C 53 4.52 -3.66 -11.77
N SER C 54 4.64 -3.78 -13.10
CA SER C 54 5.65 -4.65 -13.72
C SER C 54 7.08 -4.19 -13.42
N VAL C 55 7.31 -2.88 -13.47
CA VAL C 55 8.65 -2.37 -13.15
C VAL C 55 8.99 -2.67 -11.71
N GLN C 56 8.04 -2.47 -10.80
CA GLN C 56 8.27 -2.75 -9.39
C GLN C 56 8.58 -4.24 -9.15
N LEU C 57 7.98 -5.09 -9.96
CA LEU C 57 8.23 -6.54 -9.88
C LEU C 57 9.45 -7.00 -10.67
N GLY C 58 9.95 -6.13 -11.53
CA GLY C 58 11.11 -6.42 -12.32
C GLY C 58 10.78 -7.12 -13.64
N THR C 59 9.49 -7.25 -13.96
CA THR C 59 9.13 -7.93 -15.20
C THR C 59 9.07 -6.96 -16.38
N GLN C 60 9.24 -5.67 -16.10
CA GLN C 60 9.42 -4.69 -17.17
C GLN C 60 10.61 -3.88 -16.70
N ASP C 61 11.54 -3.55 -17.60
CA ASP C 61 12.76 -2.88 -17.20
C ASP C 61 12.58 -1.37 -16.94
N LEU C 62 11.87 -0.70 -17.85
CA LEU C 62 11.77 0.75 -17.83
C LEU C 62 10.38 1.20 -18.19
N VAL C 63 9.97 2.32 -17.61
CA VAL C 63 8.74 2.98 -18.03
C VAL C 63 9.01 4.49 -18.01
N ASN C 64 8.44 5.20 -19.00
CA ASN C 64 8.29 6.65 -18.97
C ASN C 64 6.82 6.90 -18.67
N THR C 65 6.49 7.30 -17.44
CA THR C 65 5.09 7.33 -17.02
C THR C 65 4.72 8.64 -16.37
N SER C 66 3.47 9.06 -16.55
CA SER C 66 2.96 10.18 -15.73
C SER C 66 2.86 9.75 -14.27
N THR C 67 2.65 10.73 -13.39
CA THR C 67 2.36 10.40 -12.00
C THR C 67 0.98 9.81 -11.74
N GLY C 68 0.11 9.76 -12.74
CA GLY C 68 -1.28 9.40 -12.53
C GLY C 68 -1.50 8.24 -11.56
N PRO C 69 -1.07 7.03 -11.96
CA PRO C 69 -1.28 5.88 -11.09
C PRO C 69 -0.07 5.61 -10.18
N LEU C 70 0.97 6.42 -10.28
CA LEU C 70 2.17 6.20 -9.49
C LEU C 70 1.88 6.30 -8.00
N GLY C 71 0.96 7.18 -7.63
CA GLY C 71 0.63 7.39 -6.23
C GLY C 71 0.06 6.14 -5.58
N ASN C 72 -0.45 5.20 -6.40
CA ASN C 72 -0.95 3.93 -5.90
C ASN C 72 0.16 3.13 -5.27
N PHE C 73 1.40 3.36 -5.73
CA PHE C 73 2.58 2.64 -5.28
C PHE C 73 3.44 3.47 -4.30
N VAL C 74 3.41 4.78 -4.48
CA VAL C 74 4.21 5.71 -3.66
C VAL C 74 3.31 6.93 -3.36
N PRO C 75 2.54 6.85 -2.28
CA PRO C 75 1.47 7.84 -2.08
C PRO C 75 1.97 9.28 -1.98
N GLU C 76 3.22 9.46 -1.57
CA GLU C 76 3.77 10.81 -1.40
C GLU C 76 3.82 11.58 -2.71
N THR C 77 3.89 10.86 -3.83
CA THR C 77 3.95 11.54 -5.12
C THR C 77 2.67 12.29 -5.49
N ARG C 78 1.56 11.96 -4.85
CA ARG C 78 0.30 12.59 -5.25
C ARG C 78 0.23 14.07 -4.84
N ILE C 79 1.18 14.53 -4.03
CA ILE C 79 1.21 15.94 -3.67
C ILE C 79 1.33 16.79 -4.94
N VAL C 80 2.04 16.31 -5.95
CA VAL C 80 2.20 17.14 -7.17
C VAL C 80 0.97 17.07 -8.09
N ASP C 81 -0.02 16.24 -7.71
CA ASP C 81 -1.23 16.06 -8.49
C ASP C 81 -2.37 16.99 -8.07
N ILE C 82 -2.12 17.81 -7.06
CA ILE C 82 -3.14 18.69 -6.52
C ILE C 82 -3.50 19.75 -7.56
N PRO C 83 -4.81 19.97 -7.81
CA PRO C 83 -5.16 21.01 -8.78
C PRO C 83 -4.75 22.41 -8.37
N PHE C 84 -4.20 23.16 -9.34
CA PHE C 84 -3.82 24.54 -9.18
C PHE C 84 -2.71 24.77 -8.15
N LEU C 85 -1.90 23.75 -7.93
CA LEU C 85 -0.73 23.86 -7.06
C LEU C 85 0.39 24.65 -7.73
N PHE C 86 0.59 24.40 -9.03
CA PHE C 86 1.67 25.06 -9.77
C PHE C 86 1.12 26.17 -10.67
N ARG C 87 1.90 27.22 -10.88
CA ARG C 87 1.45 28.45 -11.52
C ARG C 87 1.76 28.38 -13.01
N ASP C 88 2.87 27.76 -13.36
CA ASP C 88 3.37 27.76 -14.74
C ASP C 88 4.52 26.75 -14.90
N TYR C 89 5.06 26.64 -16.12
CA TYR C 89 6.10 25.63 -16.36
C TYR C 89 7.39 25.91 -15.61
N GLU C 90 7.81 27.19 -15.54
CA GLU C 90 9.00 27.54 -14.77
C GLU C 90 8.86 27.06 -13.32
N HIS C 91 7.69 27.28 -12.74
CA HIS C 91 7.43 26.93 -11.36
C HIS C 91 7.53 25.42 -11.18
N ALA C 92 6.76 24.70 -11.99
CA ALA C 92 6.67 23.27 -11.88
C ALA C 92 8.02 22.58 -12.12
N ARG C 93 8.74 23.00 -13.14
CA ARG C 93 10.00 22.33 -13.45
C ARG C 93 11.05 22.59 -12.37
N LYS C 94 11.05 23.78 -11.79
CA LYS C 94 12.02 24.09 -10.75
C LYS C 94 11.75 23.24 -9.51
N VAL C 95 10.48 23.02 -9.23
CA VAL C 95 10.13 22.16 -8.08
C VAL C 95 10.58 20.74 -8.34
N MET C 96 10.28 20.20 -9.51
CA MET C 96 10.62 18.80 -9.77
C MET C 96 12.14 18.59 -9.81
N ASP C 97 12.86 19.57 -10.32
CA ASP C 97 14.30 19.50 -10.45
C ASP C 97 15.05 19.79 -9.15
N GLY C 98 14.40 20.48 -8.21
CA GLY C 98 15.05 20.83 -6.95
C GLY C 98 14.86 19.77 -5.85
N ALA C 99 15.13 20.17 -4.60
CA ALA C 99 15.08 19.26 -3.44
C ALA C 99 13.77 18.52 -3.31
N ILE C 100 12.66 19.21 -3.58
CA ILE C 100 11.37 18.57 -3.39
C ILE C 100 11.15 17.40 -4.35
N GLY C 101 11.45 17.62 -5.62
CA GLY C 101 11.41 16.56 -6.61
C GLY C 101 12.39 15.46 -6.36
N GLN C 102 13.59 15.83 -5.93
CA GLN C 102 14.65 14.86 -5.67
C GLN C 102 14.21 13.93 -4.53
N ASP C 103 13.59 14.50 -3.50
CA ASP C 103 13.12 13.70 -2.36
C ASP C 103 12.07 12.67 -2.80
N LEU C 104 11.17 13.08 -3.69
CA LEU C 104 10.17 12.19 -4.23
C LEU C 104 10.80 11.01 -4.99
N LEU C 105 11.84 11.24 -5.78
CA LEU C 105 12.56 10.12 -6.42
C LEU C 105 13.10 9.14 -5.37
N LYS C 106 13.61 9.64 -4.26
CA LYS C 106 14.14 8.78 -3.21
C LYS C 106 13.04 7.99 -2.52
N LYS C 107 11.88 8.60 -2.32
CA LYS C 107 10.72 7.88 -1.79
C LYS C 107 10.29 6.74 -2.72
N MET C 108 10.33 6.99 -4.02
CA MET C 108 10.04 5.98 -5.02
C MET C 108 11.08 4.86 -4.94
N GLN C 109 12.35 5.23 -4.88
CA GLN C 109 13.42 4.23 -4.84
C GLN C 109 13.27 3.28 -3.65
N ALA C 110 12.84 3.81 -2.51
CA ALA C 110 12.67 2.98 -1.34
C ALA C 110 11.54 1.95 -1.52
N LYS C 111 10.67 2.16 -2.51
CA LYS C 111 9.62 1.18 -2.83
C LYS C 111 9.92 0.32 -4.04
N GLY C 112 11.18 0.26 -4.44
CA GLY C 112 11.56 -0.59 -5.56
C GLY C 112 11.30 0.00 -6.93
N LEU C 113 11.05 1.30 -6.97
CA LEU C 113 10.80 2.00 -8.22
C LEU C 113 11.90 3.01 -8.40
N ILE C 114 12.90 2.64 -9.19
CA ILE C 114 14.10 3.46 -9.25
C ILE C 114 13.88 4.64 -10.21
N GLY C 115 13.30 5.71 -9.68
CA GLY C 115 13.10 6.91 -10.45
C GLY C 115 14.44 7.55 -10.74
N LEU C 116 14.74 7.77 -12.01
CA LEU C 116 16.05 8.27 -12.46
C LEU C 116 16.01 9.78 -12.60
N ALA C 117 14.96 10.27 -13.24
CA ALA C 117 14.74 11.70 -13.35
C ALA C 117 13.28 11.98 -13.69
N TRP C 118 12.79 13.11 -13.20
CA TRP C 118 11.51 13.68 -13.64
C TRP C 118 11.62 14.21 -15.06
N THR C 119 10.78 13.66 -15.93
CA THR C 119 10.57 14.19 -17.26
C THR C 119 9.27 14.99 -17.18
N GLU C 120 8.43 14.98 -18.21
CA GLU C 120 7.25 15.86 -18.20
C GLU C 120 6.12 15.34 -19.11
N ASN C 121 4.89 15.40 -18.62
CA ASN C 121 3.69 15.22 -19.43
C ASN C 121 3.15 16.59 -19.84
N GLY C 122 2.87 17.45 -18.86
CA GLY C 122 2.57 18.84 -19.12
C GLY C 122 1.38 19.29 -18.31
N PHE C 123 0.98 20.54 -18.46
CA PHE C 123 -0.28 20.96 -17.85
C PHE C 123 -1.46 20.31 -18.56
N ARG C 124 -2.42 19.82 -17.76
CA ARG C 124 -3.59 19.11 -18.31
C ARG C 124 -4.79 20.04 -18.56
N HIS C 125 -5.56 19.70 -19.62
CA HIS C 125 -6.66 20.54 -20.11
C HIS C 125 -7.91 19.69 -20.39
N MET C 126 -9.09 20.25 -20.12
N MET C 126 -9.09 20.25 -20.14
CA MET C 126 -10.37 19.53 -20.26
CA MET C 126 -10.35 19.52 -20.29
C MET C 126 -10.87 19.50 -21.70
C MET C 126 -10.86 19.49 -21.72
N THR C 127 -11.30 18.32 -22.16
CA THR C 127 -12.01 18.20 -23.42
C THR C 127 -13.35 17.55 -23.18
N ASN C 128 -14.30 17.80 -24.07
CA ASN C 128 -15.56 17.10 -23.98
C ASN C 128 -16.33 17.18 -25.26
N SER C 129 -17.40 16.40 -25.35
CA SER C 129 -18.19 16.33 -26.57
C SER C 129 -19.48 17.14 -26.54
N LYS C 130 -19.83 17.73 -25.39
CA LYS C 130 -21.16 18.32 -25.19
C LYS C 130 -21.25 19.83 -25.33
N ARG C 131 -20.30 20.56 -24.75
CA ARG C 131 -20.42 22.02 -24.67
C ARG C 131 -19.12 22.71 -24.30
N PRO C 132 -18.98 23.98 -24.68
CA PRO C 132 -17.76 24.70 -24.27
C PRO C 132 -17.68 24.83 -22.75
N ILE C 133 -16.46 24.70 -22.23
CA ILE C 133 -16.23 24.91 -20.81
C ILE C 133 -15.53 26.26 -20.58
N LEU C 134 -16.26 27.22 -19.99
CA LEU C 134 -15.71 28.54 -19.72
C LEU C 134 -15.43 28.75 -18.24
N GLN C 135 -16.23 28.12 -17.39
CA GLN C 135 -16.07 28.24 -15.95
C GLN C 135 -16.47 26.90 -15.32
N ALA C 136 -16.19 26.74 -14.03
CA ALA C 136 -16.44 25.48 -13.35
C ALA C 136 -17.89 24.99 -13.52
N SER C 137 -18.85 25.90 -13.45
CA SER C 137 -20.27 25.51 -13.59
C SER C 137 -20.59 24.81 -14.94
N ASP C 138 -19.80 25.05 -15.98
CA ASP C 138 -19.99 24.39 -17.26
C ASP C 138 -19.56 22.92 -17.21
N ALA C 139 -18.61 22.63 -16.34
CA ALA C 139 -18.10 21.29 -16.21
C ALA C 139 -19.07 20.44 -15.38
N ALA C 140 -19.94 21.09 -14.62
CA ALA C 140 -20.85 20.38 -13.73
C ALA C 140 -21.77 19.45 -14.49
N GLY C 141 -21.81 18.19 -14.07
CA GLY C 141 -22.70 17.23 -14.68
C GLY C 141 -22.04 16.43 -15.79
N LEU C 142 -20.90 16.87 -16.29
CA LEU C 142 -20.21 16.07 -17.32
C LEU C 142 -19.60 14.82 -16.70
N LYS C 143 -19.72 13.69 -17.40
CA LYS C 143 -19.01 12.46 -17.04
C LYS C 143 -17.62 12.54 -17.66
N VAL C 144 -16.58 12.48 -16.83
CA VAL C 144 -15.24 12.72 -17.31
C VAL C 144 -14.31 11.59 -16.87
N ARG C 145 -13.60 11.02 -17.82
CA ARG C 145 -12.57 10.04 -17.45
C ARG C 145 -11.44 10.75 -16.73
N THR C 146 -11.01 10.16 -15.63
CA THR C 146 -9.74 10.55 -14.98
C THR C 146 -8.70 9.42 -15.04
N MET C 147 -7.47 9.76 -14.73
CA MET C 147 -6.50 8.76 -14.43
C MET C 147 -6.86 8.03 -13.12
N GLU C 148 -6.09 7.01 -12.84
CA GLU C 148 -6.30 6.13 -11.69
C GLU C 148 -5.64 6.75 -10.46
N ASN C 149 -6.23 7.85 -10.01
CA ASN C 149 -5.59 8.78 -9.07
C ASN C 149 -6.65 9.41 -8.19
N LYS C 150 -6.61 9.07 -6.91
CA LYS C 150 -7.66 9.53 -6.00
C LYS C 150 -7.64 11.04 -5.79
N VAL C 151 -6.47 11.68 -5.94
CA VAL C 151 -6.39 13.15 -5.76
C VAL C 151 -7.06 13.85 -6.92
N HIS C 152 -6.87 13.33 -8.13
CA HIS C 152 -7.57 13.89 -9.26
C HIS C 152 -9.07 13.66 -9.13
N MET C 153 -9.47 12.45 -8.69
CA MET C 153 -10.90 12.16 -8.59
C MET C 153 -11.56 13.09 -7.57
N ASP C 154 -11.00 13.16 -6.37
CA ASP C 154 -11.55 13.99 -5.32
C ASP C 154 -11.53 15.48 -5.70
N GLY C 155 -10.41 15.93 -6.25
CA GLY C 155 -10.27 17.32 -6.66
C GLY C 155 -11.24 17.73 -7.78
N TYR C 156 -11.31 16.93 -8.84
CA TYR C 156 -12.19 17.27 -9.96
C TYR C 156 -13.67 17.21 -9.58
N LYS C 157 -14.02 16.36 -8.62
CA LYS C 157 -15.41 16.27 -8.20
C LYS C 157 -15.89 17.63 -7.71
N THR C 158 -14.98 18.46 -7.18
CA THR C 158 -15.40 19.77 -6.68
C THR C 158 -15.84 20.68 -7.81
N PHE C 159 -15.48 20.37 -9.06
CA PHE C 159 -15.95 21.14 -10.20
C PHE C 159 -17.36 20.70 -10.61
N GLY C 160 -17.90 19.65 -10.00
CA GLY C 160 -19.19 19.13 -10.39
C GLY C 160 -19.17 18.01 -11.43
N LEU C 161 -17.97 17.69 -11.94
CA LEU C 161 -17.72 16.57 -12.85
C LEU C 161 -17.99 15.24 -12.14
N LEU C 162 -18.33 14.23 -12.92
CA LEU C 162 -18.55 12.90 -12.40
C LEU C 162 -17.40 12.06 -12.94
N PRO C 163 -16.39 11.77 -12.10
CA PRO C 163 -15.19 11.10 -12.61
C PRO C 163 -15.31 9.58 -12.70
N THR C 164 -14.71 9.00 -13.74
CA THR C 164 -14.52 7.55 -13.81
C THR C 164 -13.06 7.30 -14.15
N PRO C 165 -12.34 6.56 -13.30
CA PRO C 165 -10.95 6.25 -13.61
C PRO C 165 -10.88 5.18 -14.70
N MET C 166 -10.00 5.37 -15.67
CA MET C 166 -9.79 4.37 -16.72
C MET C 166 -8.33 4.38 -17.10
N ALA C 167 -7.79 3.19 -17.36
CA ALA C 167 -6.47 3.07 -17.96
C ALA C 167 -6.49 3.79 -19.31
N PHE C 168 -5.36 4.40 -19.64
CA PHE C 168 -5.27 5.21 -20.86
C PHE C 168 -5.60 4.43 -22.14
N PRO C 169 -5.11 3.19 -22.27
CA PRO C 169 -5.40 2.54 -23.55
C PRO C 169 -6.91 2.35 -23.84
N GLU C 170 -7.77 2.49 -22.83
CA GLU C 170 -9.20 2.30 -23.02
C GLU C 170 -9.90 3.63 -23.27
N LEU C 171 -9.16 4.73 -23.19
CA LEU C 171 -9.79 6.06 -23.25
C LEU C 171 -10.43 6.39 -24.61
N PHE C 172 -9.71 6.14 -25.69
CA PHE C 172 -10.19 6.55 -27.02
C PHE C 172 -11.57 5.96 -27.29
N THR C 173 -11.73 4.65 -27.04
CA THR C 173 -13.02 4.02 -27.32
C THR C 173 -14.10 4.48 -26.37
N ALA C 174 -13.75 4.75 -25.12
CA ALA C 174 -14.72 5.24 -24.16
C ALA C 174 -15.28 6.58 -24.64
N LEU C 175 -14.42 7.44 -25.15
CA LEU C 175 -14.90 8.74 -25.68
C LEU C 175 -15.71 8.49 -26.95
N GLN C 176 -15.21 7.63 -27.82
CA GLN C 176 -15.90 7.38 -29.09
C GLN C 176 -17.33 6.91 -28.88
N GLN C 177 -17.52 6.04 -27.90
CA GLN C 177 -18.83 5.45 -27.65
C GLN C 177 -19.71 6.30 -26.72
N GLY C 178 -19.15 7.36 -26.18
CA GLY C 178 -19.89 8.25 -25.30
C GLY C 178 -20.06 7.72 -23.88
N THR C 179 -19.24 6.75 -23.50
CA THR C 179 -19.29 6.21 -22.14
C THR C 179 -19.01 7.36 -21.15
N VAL C 180 -18.05 8.21 -21.51
CA VAL C 180 -17.84 9.48 -20.82
C VAL C 180 -17.99 10.61 -21.83
N ASP C 181 -18.30 11.81 -21.34
CA ASP C 181 -18.43 12.98 -22.20
C ASP C 181 -17.06 13.57 -22.54
N GLY C 182 -16.11 13.35 -21.65
CA GLY C 182 -14.84 14.02 -21.78
C GLY C 182 -13.73 13.40 -20.97
N GLN C 183 -12.58 14.09 -20.99
CA GLN C 183 -11.36 13.65 -20.35
C GLN C 183 -10.48 14.88 -20.18
N GLU C 184 -9.25 14.70 -19.71
CA GLU C 184 -8.31 15.79 -19.59
C GLU C 184 -6.89 15.29 -19.73
N ASN C 185 -6.07 16.11 -20.37
CA ASN C 185 -4.72 15.72 -20.69
C ASN C 185 -3.94 16.90 -21.27
N PRO C 186 -2.60 16.78 -21.27
CA PRO C 186 -1.81 17.86 -21.89
C PRO C 186 -1.97 17.84 -23.39
N ILE C 187 -1.62 18.94 -24.02
CA ILE C 187 -1.63 19.05 -25.48
C ILE C 187 -0.81 17.92 -26.15
N PRO C 188 0.41 17.62 -25.64
CA PRO C 188 1.17 16.55 -26.32
C PRO C 188 0.40 15.24 -26.41
N VAL C 189 -0.40 14.93 -25.39
CA VAL C 189 -1.19 13.71 -25.43
C VAL C 189 -2.39 13.85 -26.36
N ILE C 190 -3.10 14.96 -26.26
CA ILE C 190 -4.28 15.19 -27.10
C ILE C 190 -3.89 15.10 -28.59
N LEU C 191 -2.74 15.67 -28.94
CA LEU C 191 -2.25 15.61 -30.32
C LEU C 191 -1.91 14.20 -30.73
N SER C 192 -1.06 13.55 -29.94
CA SER C 192 -0.47 12.27 -30.33
C SER C 192 -1.48 11.13 -30.31
N SER C 193 -2.60 11.32 -29.65
CA SER C 193 -3.65 10.30 -29.59
C SER C 193 -4.90 10.57 -30.44
N LYS C 194 -4.85 11.63 -31.24
CA LYS C 194 -5.97 11.96 -32.12
C LYS C 194 -7.35 12.02 -31.42
N PHE C 195 -7.38 12.53 -30.19
CA PHE C 195 -8.64 12.71 -29.52
C PHE C 195 -9.52 13.78 -30.20
N SER C 196 -8.95 14.60 -31.09
CA SER C 196 -9.78 15.52 -31.86
C SER C 196 -10.86 14.79 -32.69
N GLN C 197 -10.62 13.53 -33.00
CA GLN C 197 -11.59 12.77 -33.78
C GLN C 197 -12.89 12.58 -33.00
N VAL C 198 -12.77 12.52 -31.67
CA VAL C 198 -13.88 12.11 -30.81
C VAL C 198 -14.19 13.09 -29.67
N GLN C 199 -13.61 14.27 -29.77
CA GLN C 199 -13.82 15.37 -28.82
C GLN C 199 -13.88 16.68 -29.60
N LYS C 200 -15.01 17.37 -29.49
CA LYS C 200 -15.31 18.59 -30.24
C LYS C 200 -14.73 19.83 -29.52
N HIS C 201 -14.68 19.75 -28.21
CA HIS C 201 -14.32 20.89 -27.37
C HIS C 201 -13.01 20.72 -26.57
N LEU C 202 -12.24 21.80 -26.50
CA LEU C 202 -11.05 21.87 -25.66
C LEU C 202 -11.05 23.23 -24.95
N SER C 203 -10.79 23.20 -23.65
CA SER C 203 -10.55 24.41 -22.87
C SER C 203 -9.20 24.34 -22.18
N LEU C 204 -8.44 25.43 -22.25
CA LEU C 204 -7.13 25.47 -21.63
C LEU C 204 -7.26 25.79 -20.13
N THR C 205 -7.81 24.84 -19.38
CA THR C 205 -8.01 24.98 -17.93
C THR C 205 -6.70 24.91 -17.13
N GLY C 206 -5.73 24.15 -17.64
CA GLY C 206 -4.42 24.02 -17.02
C GLY C 206 -4.54 23.69 -15.54
N HIS C 207 -5.45 22.76 -15.24
CA HIS C 207 -5.95 22.56 -13.88
C HIS C 207 -5.01 21.75 -12.98
N VAL C 208 -4.13 20.96 -13.57
CA VAL C 208 -3.06 20.26 -12.82
C VAL C 208 -1.82 20.21 -13.69
N TYR C 209 -0.66 20.14 -13.04
CA TYR C 209 0.58 19.85 -13.73
C TYR C 209 0.84 18.36 -13.63
N SER C 210 1.17 17.76 -14.77
CA SER C 210 1.38 16.34 -14.84
C SER C 210 2.86 16.08 -15.14
N PRO C 211 3.62 15.72 -14.09
CA PRO C 211 5.00 15.32 -14.32
C PRO C 211 5.02 13.93 -14.94
N ALA C 212 6.14 13.59 -15.58
CA ALA C 212 6.39 12.20 -15.94
C ALA C 212 7.76 11.82 -15.37
N VAL C 213 8.05 10.54 -15.38
CA VAL C 213 9.27 10.05 -14.76
C VAL C 213 9.73 8.78 -15.47
N LEU C 214 11.05 8.72 -15.65
CA LEU C 214 11.74 7.53 -16.15
C LEU C 214 12.06 6.68 -14.94
N ILE C 215 11.45 5.52 -14.88
CA ILE C 215 11.69 4.57 -13.80
C ILE C 215 12.35 3.29 -14.34
N LEU C 216 13.40 2.85 -13.64
CA LEU C 216 14.07 1.58 -13.89
C LEU C 216 13.73 0.60 -12.78
N SER C 217 13.70 -0.67 -13.11
CA SER C 217 13.47 -1.70 -12.10
C SER C 217 14.65 -1.77 -11.15
N SER C 218 14.41 -2.13 -9.89
CA SER C 218 15.54 -2.35 -8.99
C SER C 218 16.40 -3.53 -9.43
N ARG C 219 15.79 -4.54 -10.07
CA ARG C 219 16.49 -5.71 -10.58
C ARG C 219 17.65 -5.29 -11.47
N VAL C 220 17.38 -4.42 -12.43
CA VAL C 220 18.43 -3.91 -13.29
C VAL C 220 19.40 -2.96 -12.58
N TRP C 221 18.86 -2.01 -11.82
CA TRP C 221 19.71 -1.07 -11.10
C TRP C 221 20.74 -1.81 -10.24
N ASP C 222 20.30 -2.84 -9.53
CA ASP C 222 21.16 -3.53 -8.58
C ASP C 222 22.23 -4.37 -9.29
N LYS C 223 22.11 -4.53 -10.60
CA LYS C 223 23.15 -5.21 -11.38
C LYS C 223 24.15 -4.24 -12.02
N LEU C 224 23.84 -2.95 -12.00
CA LEU C 224 24.72 -1.96 -12.62
C LEU C 224 25.96 -1.66 -11.78
N SER C 225 27.10 -1.46 -12.44
CA SER C 225 28.30 -0.95 -11.78
C SER C 225 27.96 0.45 -11.25
N GLU C 226 28.75 0.96 -10.31
CA GLU C 226 28.49 2.31 -9.79
C GLU C 226 28.65 3.34 -10.92
N ALA C 227 29.53 3.05 -11.87
CA ALA C 227 29.71 3.96 -13.01
C ALA C 227 28.50 3.98 -13.96
N ASP C 228 27.95 2.81 -14.24
CA ASP C 228 26.76 2.75 -15.07
C ASP C 228 25.55 3.41 -14.40
N LYS C 229 25.50 3.31 -13.08
CA LYS C 229 24.43 3.95 -12.32
C LYS C 229 24.43 5.45 -12.64
N LYS C 230 25.62 6.03 -12.67
CA LYS C 230 25.74 7.44 -13.02
C LYS C 230 25.40 7.73 -14.47
N VAL C 231 25.70 6.79 -15.37
CA VAL C 231 25.38 6.98 -16.78
C VAL C 231 23.85 7.01 -16.97
N PHE C 232 23.16 6.11 -16.27
CA PHE C 232 21.71 5.98 -16.40
C PHE C 232 21.03 7.27 -15.89
N VAL C 233 21.51 7.81 -14.77
CA VAL C 233 20.91 9.03 -14.23
C VAL C 233 21.18 10.23 -15.14
N ALA C 234 22.41 10.38 -15.59
CA ALA C 234 22.77 11.47 -16.50
C ALA C 234 21.94 11.36 -17.78
N ALA C 235 21.75 10.15 -18.29
CA ALA C 235 20.94 9.94 -19.50
C ALA C 235 19.50 10.36 -19.29
N ALA C 236 18.94 10.02 -18.14
CA ALA C 236 17.57 10.42 -17.84
C ALA C 236 17.43 11.94 -17.71
N GLN C 237 18.44 12.59 -17.14
CA GLN C 237 18.41 14.04 -17.02
C GLN C 237 18.56 14.74 -18.40
N LYS C 238 19.30 14.13 -19.31
CA LYS C 238 19.32 14.63 -20.70
C LYS C 238 17.94 14.45 -21.33
N ALA C 239 17.27 13.34 -21.00
CA ALA C 239 15.94 13.08 -21.53
C ALA C 239 14.93 14.12 -21.03
N THR C 240 15.08 14.54 -19.80
CA THR C 240 14.22 15.58 -19.21
C THR C 240 14.19 16.79 -20.14
N VAL C 241 15.38 17.22 -20.55
CA VAL C 241 15.53 18.41 -21.37
C VAL C 241 14.85 18.22 -22.72
N ALA C 242 15.10 17.10 -23.38
CA ALA C 242 14.53 16.88 -24.71
C ALA C 242 13.01 16.75 -24.64
N GLN C 243 12.54 16.05 -23.61
CA GLN C 243 11.13 15.80 -23.50
C GLN C 243 10.37 17.10 -23.22
N ARG C 244 10.94 17.95 -22.38
CA ARG C 244 10.31 19.23 -22.09
C ARG C 244 10.33 20.13 -23.32
N LYS C 245 11.38 20.02 -24.11
CA LYS C 245 11.44 20.79 -25.36
C LYS C 245 10.28 20.40 -26.27
N ARG C 246 10.01 19.11 -26.36
CA ARG C 246 8.93 18.64 -27.22
C ARG C 246 7.56 19.06 -26.68
N VAL C 247 7.37 19.07 -25.37
CA VAL C 247 6.13 19.59 -24.78
C VAL C 247 5.93 21.04 -25.22
N ASN C 248 6.98 21.84 -25.11
CA ASN C 248 6.98 23.26 -25.50
C ASN C 248 6.57 23.41 -26.96
N ASP C 249 7.16 22.59 -27.81
CA ASP C 249 6.90 22.65 -29.24
C ASP C 249 5.45 22.27 -29.55
N ASP C 250 4.94 21.26 -28.87
CA ASP C 250 3.59 20.77 -29.11
C ASP C 250 2.56 21.83 -28.71
N GLU C 251 2.86 22.54 -27.65
CA GLU C 251 1.97 23.60 -27.23
C GLU C 251 2.05 24.81 -28.11
N ALA C 252 3.24 25.07 -28.62
CA ALA C 252 3.47 26.22 -29.48
C ALA C 252 2.69 26.06 -30.78
N ASN C 253 2.60 24.84 -31.29
CA ASN C 253 1.97 24.57 -32.57
C ASN C 253 0.63 23.83 -32.47
N GLY C 254 0.36 23.28 -31.31
CA GLY C 254 -0.73 22.34 -31.15
C GLY C 254 -2.13 22.93 -31.30
N ILE C 255 -2.32 24.15 -30.84
CA ILE C 255 -3.67 24.70 -30.86
C ILE C 255 -4.12 24.92 -32.30
N THR C 256 -3.23 25.47 -33.12
CA THR C 256 -3.61 25.71 -34.51
C THR C 256 -3.98 24.38 -35.19
N GLN C 257 -3.22 23.33 -34.86
CA GLN C 257 -3.43 22.02 -35.43
C GLN C 257 -4.75 21.40 -34.97
N LEU C 258 -5.03 21.48 -33.67
CA LEU C 258 -6.29 20.95 -33.16
C LEU C 258 -7.48 21.71 -33.74
N LYS C 259 -7.31 23.01 -33.98
CA LYS C 259 -8.32 23.81 -34.65
C LYS C 259 -8.52 23.36 -36.11
N LYS C 260 -7.41 23.06 -36.79
CA LYS C 260 -7.46 22.56 -38.15
C LYS C 260 -8.22 21.24 -38.17
N ASP C 261 -8.02 20.43 -37.13
CA ASP C 261 -8.71 19.16 -37.02
C ASP C 261 -10.11 19.26 -36.40
N GLY C 262 -10.65 20.47 -36.27
CA GLY C 262 -12.08 20.65 -36.02
C GLY C 262 -12.48 20.94 -34.59
N MET C 263 -11.52 20.94 -33.68
CA MET C 263 -11.83 21.24 -32.29
C MET C 263 -12.16 22.72 -32.09
N GLN C 264 -13.12 22.98 -31.20
CA GLN C 264 -13.45 24.33 -30.80
C GLN C 264 -12.65 24.61 -29.54
N VAL C 265 -11.73 25.55 -29.58
CA VAL C 265 -10.79 25.73 -28.50
C VAL C 265 -11.04 27.01 -27.72
N VAL C 266 -11.30 26.86 -26.43
CA VAL C 266 -11.40 27.98 -25.49
C VAL C 266 -10.03 28.20 -24.86
N GLU C 267 -9.41 29.33 -25.17
CA GLU C 267 -8.05 29.60 -24.69
C GLU C 267 -8.03 30.37 -23.40
N LYS C 268 -9.11 31.08 -23.12
CA LYS C 268 -9.24 31.80 -21.86
C LYS C 268 -10.46 31.34 -21.05
N VAL C 269 -10.20 30.72 -19.90
CA VAL C 269 -11.28 30.31 -19.01
C VAL C 269 -11.33 31.20 -17.76
N ASP C 270 -12.45 31.10 -17.05
CA ASP C 270 -12.60 31.71 -15.72
C ASP C 270 -11.82 30.87 -14.69
N GLY C 271 -10.51 31.11 -14.61
CA GLY C 271 -9.66 30.38 -13.69
C GLY C 271 -10.07 30.49 -12.22
N GLU C 272 -10.56 31.65 -11.83
CA GLU C 272 -10.97 31.86 -10.44
C GLU C 272 -12.06 30.89 -10.03
N SER C 273 -13.03 30.68 -10.94
CA SER C 273 -14.14 29.78 -10.65
C SER C 273 -13.69 28.38 -10.30
N PHE C 274 -12.65 27.88 -10.98
CA PHE C 274 -12.12 26.54 -10.72
C PHE C 274 -11.30 26.52 -9.44
N ARG C 275 -10.49 27.55 -9.23
CA ARG C 275 -9.70 27.63 -8.01
C ARG C 275 -10.62 27.74 -6.77
N LYS C 276 -11.69 28.52 -6.86
CA LYS C 276 -12.62 28.63 -5.73
C LYS C 276 -13.33 27.31 -5.47
N ALA C 277 -13.70 26.60 -6.54
CA ALA C 277 -14.35 25.29 -6.40
C ALA C 277 -13.47 24.27 -5.66
N VAL C 278 -12.17 24.24 -5.94
CA VAL C 278 -11.32 23.20 -5.35
C VAL C 278 -10.80 23.53 -3.97
N ALA C 279 -10.91 24.80 -3.55
CA ALA C 279 -10.33 25.19 -2.28
C ALA C 279 -10.76 24.27 -1.10
N PRO C 280 -12.05 23.89 -1.03
CA PRO C 280 -12.40 23.02 0.10
C PRO C 280 -11.64 21.70 0.14
N ALA C 281 -11.25 21.18 -1.03
CA ALA C 281 -10.48 19.94 -1.05
C ALA C 281 -9.09 20.06 -0.45
N TYR C 282 -8.60 21.29 -0.27
CA TYR C 282 -7.28 21.47 0.35
C TYR C 282 -7.27 21.09 1.83
N ALA C 283 -8.42 21.00 2.48
CA ALA C 283 -8.45 20.39 3.84
C ALA C 283 -7.86 18.97 3.78
N GLY C 284 -8.47 18.14 2.95
CA GLY C 284 -7.99 16.78 2.77
C GLY C 284 -6.56 16.70 2.28
N PHE C 285 -6.21 17.55 1.31
CA PHE C 285 -4.85 17.53 0.76
C PHE C 285 -3.82 17.86 1.85
N ALA C 286 -4.09 18.88 2.67
CA ALA C 286 -3.14 19.24 3.69
C ALA C 286 -3.03 18.16 4.74
N LYS C 287 -4.16 17.56 5.08
CA LYS C 287 -4.15 16.48 6.08
C LYS C 287 -3.24 15.37 5.58
N GLU C 288 -3.34 15.07 4.30
CA GLU C 288 -2.58 13.96 3.77
C GLU C 288 -1.12 14.25 3.51
N PHE C 289 -0.82 15.40 2.88
CA PHE C 289 0.53 15.73 2.47
C PHE C 289 1.32 16.66 3.39
N GLY C 290 0.59 17.41 4.22
CA GLY C 290 1.19 18.42 5.06
C GLY C 290 1.04 19.81 4.45
N ALA C 291 0.43 20.74 5.19
CA ALA C 291 0.26 22.08 4.61
C ALA C 291 1.62 22.74 4.39
N GLU C 292 2.60 22.36 5.20
CA GLU C 292 3.94 22.94 5.06
C GLU C 292 4.64 22.45 3.78
N ARG C 293 4.27 21.24 3.34
CA ARG C 293 4.86 20.71 2.12
C ARG C 293 4.17 21.32 0.91
N ILE C 294 2.86 21.54 0.99
CA ILE C 294 2.16 22.30 -0.04
C ILE C 294 2.73 23.70 -0.15
N ALA C 295 2.93 24.35 1.00
CA ALA C 295 3.46 25.71 1.01
C ALA C 295 4.87 25.80 0.47
N ALA C 296 5.69 24.79 0.76
CA ALA C 296 7.08 24.74 0.27
C ALA C 296 7.09 24.71 -1.26
N ILE C 297 6.18 23.94 -1.83
CA ILE C 297 6.04 23.92 -3.28
C ILE C 297 5.59 25.26 -3.84
N GLN C 298 4.60 25.87 -3.21
CA GLN C 298 4.06 27.15 -3.68
C GLN C 298 5.12 28.27 -3.64
N ALA C 299 6.01 28.19 -2.66
CA ALA C 299 7.05 29.21 -2.47
C ALA C 299 8.15 29.23 -3.54
N VAL C 300 8.38 28.09 -4.18
CA VAL C 300 9.44 28.02 -5.16
C VAL C 300 9.14 28.99 -6.31
N LYS C 301 10.13 29.82 -6.65
CA LYS C 301 10.07 30.78 -7.75
C LYS C 301 9.01 31.86 -7.60
N ALA C 302 8.46 32.01 -6.41
CA ALA C 302 7.35 32.94 -6.17
C ALA C 302 7.86 34.35 -5.96
N GLU C 303 7.23 35.29 -6.68
CA GLU C 303 7.62 36.72 -6.72
C GLU C 303 9.10 36.92 -6.42
OAB EAX D . 18.74 -6.27 9.02
OAA EAX D . 19.69 -3.04 5.60
CAG EAX D . 20.21 -2.87 6.74
OAC EAX D . 21.06 -1.99 7.01
CAI EAX D . 19.84 -3.85 7.87
OAE EAX D . 20.34 -3.34 9.13
CAH EAX D . 20.45 -5.22 7.58
OAD EAX D . 19.84 -5.68 6.36
CAF EAX D . 20.15 -6.22 8.72
C1 MLA E . 5.43 -3.22 -2.13
O1A MLA E . 4.23 -3.25 -1.78
O1B MLA E . 5.96 -4.00 -2.96
C2 MLA E . 6.33 -2.14 -1.44
C3 MLA E . 7.79 -2.44 -1.77
O3A MLA E . 8.62 -1.81 -1.13
O3B MLA E . 8.08 -3.36 -2.58
C1 MLA F . -0.52 -15.41 16.76
O1A MLA F . -1.06 -14.54 17.49
O1B MLA F . -1.06 -16.45 16.33
C2 MLA F . 0.94 -15.18 16.35
C3 MLA F . 1.59 -14.00 17.10
O3A MLA F . 2.79 -14.15 17.45
O3B MLA F . 0.90 -12.95 17.28
C1 MLA G . 13.24 13.28 21.38
O1A MLA G . 13.13 14.28 20.62
O1B MLA G . 13.14 12.08 21.03
C2 MLA G . 13.52 13.58 22.84
C3 MLA G . 14.05 12.39 23.64
O3A MLA G . 14.33 12.65 24.85
O3B MLA G . 14.16 11.26 23.08
C FMT H . 3.24 3.92 2.95
O1 FMT H . 3.46 4.52 3.99
O2 FMT H . 4.11 3.32 2.33
H FMT H . 2.23 3.92 2.52
HO2 FMT H . 5.03 3.31 2.66
C FMT I . -2.95 0.26 4.80
O1 FMT I . -3.16 -0.90 5.16
O2 FMT I . -3.62 1.23 5.18
H FMT I . -2.14 0.46 4.09
HO2 FMT I . -4.36 1.09 5.80
OAB EAX J . -17.15 -12.68 3.45
OAA EAX J . -15.39 -13.60 8.34
CAG EAX J . -14.99 -13.45 7.15
OAC EAX J . -13.81 -13.67 6.77
CAI EAX J . -16.01 -13.05 6.10
OAE EAX J . -17.26 -12.65 6.73
CAH EAX J . -16.28 -14.23 5.14
OAD EAX J . -15.05 -14.58 4.48
CAF EAX J . -17.38 -13.91 4.11
C1 MLA K . -23.59 5.83 17.74
O1A MLA K . -24.59 6.53 17.96
O1B MLA K . -23.50 4.97 16.82
C2 MLA K . -22.45 5.92 18.79
C3 MLA K . -21.03 6.22 18.27
O3A MLA K . -20.10 5.67 18.92
O3B MLA K . -20.89 7.04 17.32
C1 MLA L . -1.13 -6.51 -0.56
O1A MLA L . -0.84 -5.43 -1.14
O1B MLA L . -0.85 -7.68 -0.95
C2 MLA L . -1.92 -6.34 0.75
C3 MLA L . -2.30 -7.72 1.31
O3A MLA L . -1.94 -8.76 0.68
O3B MLA L . -2.91 -7.72 2.38
C FMT M . -11.21 -14.17 30.31
O1 FMT M . -11.97 -13.21 30.49
O2 FMT M . -11.55 -15.13 29.61
H FMT M . -10.22 -14.19 30.76
HO2 FMT M . -12.44 -15.14 29.20
C FMT N . -2.85 4.98 -1.11
O1 FMT N . -3.13 6.12 -0.71
O2 FMT N . -3.32 4.52 -2.15
H FMT N . -2.18 4.35 -0.53
HO2 FMT N . -3.93 5.05 -2.70
OAB EAX O . 1.07 9.73 -19.25
OAA EAX O . -4.11 10.40 -19.21
CAG EAX O . -3.22 9.55 -18.98
OAC EAX O . -3.43 8.35 -18.62
CAI EAX O . -1.75 10.00 -19.11
OAE EAX O . -1.68 11.42 -19.29
CAH EAX O . -1.07 9.31 -20.29
OAD EAX O . -1.03 7.91 -20.02
CAF EAX O . 0.37 9.83 -20.48
H1 EAX O . 2.00 10.07 -19.36
H3 EAX O . -1.22 9.74 -18.20
H4 EAX O . -2.11 11.89 -18.52
H5 EAX O . -1.65 9.48 -21.20
H6 EAX O . -0.50 7.75 -19.18
H7 EAX O . 0.87 9.24 -21.25
H8 EAX O . 0.34 10.88 -20.79
C1 MLA P . -0.67 -2.08 -6.48
O1A MLA P . -0.83 -3.01 -7.33
O1B MLA P . 0.06 -2.13 -5.48
C2 MLA P . -1.46 -0.75 -6.68
C3 MLA P . -2.08 -0.73 -8.07
O3A MLA P . -1.90 -1.69 -8.85
O3B MLA P . -2.79 0.24 -8.32
C1 MLA Q . -5.07 27.39 -4.71
O1A MLA Q . -5.04 26.49 -5.58
O1B MLA Q . -4.80 27.27 -3.48
C2 MLA Q . -5.41 28.79 -5.20
C3 MLA Q . -4.22 29.28 -6.01
O3A MLA Q . -3.59 28.41 -6.69
O3B MLA Q . -3.97 30.51 -5.96
C FMT R . -25.00 17.74 -17.95
O1 FMT R . -24.52 18.67 -17.31
O2 FMT R . -24.52 17.36 -19.02
H FMT R . -25.87 17.19 -17.57
HO2 FMT R . -23.74 17.82 -19.38
#